data_3GD1
#
_entry.id   3GD1
#
_cell.length_a   228.960
_cell.length_b   61.198
_cell.length_c   159.840
_cell.angle_alpha   90.00
_cell.angle_beta   119.32
_cell.angle_gamma   90.00
#
_symmetry.space_group_name_H-M   'C 1 2 1'
#
loop_
_entity.id
_entity.type
_entity.pdbx_description
1 polymer Beta-arrestin-1
2 polymer 'Clathrin heavy chain 1'
3 polymer clathrin
#
loop_
_entity_poly.entity_id
_entity_poly.type
_entity_poly.pdbx_seq_one_letter_code
_entity_poly.pdbx_strand_id
1 'polypeptide(L)'
;MGDKGTRVFKKASPNGKLTVYLGKRDFVDHIDLVEPVDGVVLVDPEYLKERRVYVTLTCAFRYGREDLDVLGLTFRKDLF
VANVQSFPPAPEDKKPLTRLQERLIKKLGEHAYPFTFEIPPNLPCSVTLQPGPEDTGKACGVDYEVKAFCAENLEEKIHK
RNSVRLVIRKVQYAPERPGPQPTAETTRQFLMSDKPLHLEASLDKEIYYHGEPISVNVHVTNNTNKTVKKIKISVRQYAD
ICLFNTAQYKCPVAMEEADDTVAPSSTFCKVYTLTPFLANNREKRGLALDGKLKHEDTNLASSTLLREGANREILGIIVS
YKVKVKLVVSRGGLLGDLASSDVAVELPFTLMHPKPKEEPPHREVPEHETPVDTNLIELDTNDDDIVFEDFAR
;
C,E
2 'polypeptide(L)'
;MAQILPIRFQEHLQLQNLGINPANIGFSTLTMESDKFICIREKVGEQAQVVIIDMNDPSNPIRRPISADSAIMNPASKVI
ALKAGKTLQIFNIEMKSKMKAHTMTDDVTFWKWISLNTVALVTDNAVYHWSMEGESQPVKMFDRHSSLAGCQIINYRTDA
KQKWLLLTGISAQQNRVVGAMQLYSVDRKVSQPIEGHAASFAQFKMEGNAEESTLFCFAVRGQAGGKLHIIEVGTPPTGN
QPFPKKAVDVFFPPEAQNDFPVAMQISEKHDVVFLITKYGYIHLYDLETGTCIYMNRISGETIFVTAPHEATAGIIGVNR
KGQVLSVCVEEENIIPYITNVLQNPDLALRMAVRNNLAGAEEL
;
I
3 'polypeptide(L)' TNLIELDA Z
#
# COMPACT_ATOMS: atom_id res chain seq x y z
N ASP A 3 3.75 8.48 -51.43
CA ASP A 3 4.78 8.40 -52.44
C ASP A 3 6.18 8.51 -51.85
N LYS A 4 7.11 9.01 -52.65
CA LYS A 4 8.50 9.10 -52.25
C LYS A 4 9.32 7.94 -52.79
N GLY A 5 10.64 8.04 -52.66
CA GLY A 5 11.51 6.90 -52.80
C GLY A 5 12.63 6.89 -51.79
N THR A 6 13.43 5.83 -51.80
CA THR A 6 13.96 5.23 -50.56
C THR A 6 14.70 6.16 -49.55
N ARG A 7 14.10 6.33 -48.37
CA ARG A 7 14.64 7.20 -47.31
C ARG A 7 15.76 6.60 -46.50
N VAL A 8 16.81 7.39 -46.30
CA VAL A 8 17.97 6.98 -45.52
C VAL A 8 18.16 7.94 -44.37
N PHE A 9 18.40 7.40 -43.18
CA PHE A 9 18.57 8.27 -42.04
C PHE A 9 20.02 8.49 -41.73
N LYS A 10 20.38 9.76 -41.53
CA LYS A 10 21.76 10.09 -41.22
C LYS A 10 21.87 10.88 -39.94
N LYS A 11 23.02 10.77 -39.31
CA LYS A 11 23.29 11.47 -38.07
C LYS A 11 24.78 11.47 -37.98
N ALA A 12 25.38 12.65 -38.12
CA ALA A 12 26.83 12.76 -38.05
C ALA A 12 27.30 13.19 -36.66
N SER A 13 28.43 12.63 -36.24
CA SER A 13 29.01 12.95 -34.94
C SER A 13 29.23 14.46 -34.84
N PRO A 14 29.53 14.95 -33.63
CA PRO A 14 29.76 16.38 -33.45
C PRO A 14 30.70 16.96 -34.50
N ASN A 15 31.97 16.58 -34.44
CA ASN A 15 32.97 17.09 -35.39
C ASN A 15 32.63 16.83 -36.86
N GLY A 16 31.51 16.17 -37.10
CA GLY A 16 31.08 15.89 -38.46
C GLY A 16 32.02 15.06 -39.31
N LYS A 17 33.20 14.74 -38.80
CA LYS A 17 34.15 13.96 -39.59
C LYS A 17 33.84 12.47 -39.56
N LEU A 18 32.57 12.16 -39.31
CA LEU A 18 32.09 10.78 -39.25
C LEU A 18 30.58 10.78 -39.32
N THR A 19 30.02 10.00 -40.23
CA THR A 19 28.59 9.94 -40.39
C THR A 19 28.11 8.50 -40.41
N VAL A 20 26.82 8.30 -40.12
CA VAL A 20 26.22 6.98 -40.15
C VAL A 20 24.86 7.03 -40.81
N TYR A 21 24.62 6.06 -41.68
CA TYR A 21 23.38 5.98 -42.42
C TYR A 21 22.70 4.64 -42.18
N LEU A 22 21.40 4.66 -41.90
CA LEU A 22 20.66 3.42 -41.68
C LEU A 22 19.42 3.41 -42.51
N GLY A 23 18.98 2.21 -42.85
CA GLY A 23 17.79 2.07 -43.66
C GLY A 23 16.53 2.48 -42.94
N LYS A 24 16.53 2.33 -41.62
CA LYS A 24 15.36 2.65 -40.81
C LYS A 24 15.67 2.84 -39.34
N ARG A 25 14.73 3.44 -38.61
CA ARG A 25 14.91 3.70 -37.19
C ARG A 25 14.38 2.56 -36.32
N ASP A 26 13.36 1.86 -36.79
CA ASP A 26 12.82 0.73 -36.04
C ASP A 26 13.07 -0.54 -36.87
N PHE A 27 13.33 -1.66 -36.22
CA PHE A 27 13.56 -2.93 -36.91
C PHE A 27 12.62 -3.95 -36.31
N VAL A 28 11.81 -4.59 -37.15
CA VAL A 28 10.85 -5.57 -36.67
C VAL A 28 11.36 -6.97 -36.31
N ASP A 29 10.87 -7.45 -35.18
CA ASP A 29 11.19 -8.77 -34.66
C ASP A 29 10.00 -9.63 -35.12
N HIS A 30 10.29 -10.74 -35.80
CA HIS A 30 9.24 -11.62 -36.29
C HIS A 30 9.20 -12.91 -35.51
N ILE A 31 9.31 -12.83 -34.19
CA ILE A 31 9.28 -14.00 -33.34
C ILE A 31 10.52 -14.88 -33.54
N ASP A 32 10.69 -15.43 -34.74
CA ASP A 32 11.82 -16.27 -35.02
C ASP A 32 13.01 -15.53 -35.66
N LEU A 33 12.74 -14.46 -36.40
CA LEU A 33 13.82 -13.70 -37.04
C LEU A 33 13.63 -12.20 -36.90
N VAL A 34 14.73 -11.50 -36.69
CA VAL A 34 14.71 -10.04 -36.52
C VAL A 34 15.36 -9.36 -37.73
N GLU A 35 14.63 -8.43 -38.35
CA GLU A 35 15.17 -7.72 -39.51
C GLU A 35 16.60 -7.34 -39.19
N PRO A 36 17.51 -7.55 -40.12
CA PRO A 36 18.91 -7.21 -39.88
C PRO A 36 19.20 -5.73 -39.83
N VAL A 37 20.26 -5.36 -39.13
CA VAL A 37 20.67 -3.96 -39.03
C VAL A 37 21.79 -3.73 -40.04
N ASP A 38 21.39 -3.17 -41.19
CA ASP A 38 22.28 -2.88 -42.31
C ASP A 38 22.58 -1.40 -42.42
N GLY A 39 23.84 -1.02 -42.23
CA GLY A 39 24.18 0.37 -42.30
C GLY A 39 25.45 0.68 -43.06
N VAL A 40 25.67 1.98 -43.26
CA VAL A 40 26.84 2.49 -43.95
C VAL A 40 27.44 3.52 -43.02
N VAL A 41 28.73 3.75 -43.15
CA VAL A 41 29.40 4.72 -42.31
C VAL A 41 30.43 5.51 -43.10
N LEU A 42 30.13 6.78 -43.30
CA LEU A 42 31.00 7.68 -44.04
C LEU A 42 32.15 8.14 -43.13
N VAL A 43 33.38 7.84 -43.51
CA VAL A 43 34.52 8.25 -42.71
C VAL A 43 35.27 9.37 -43.41
N ASP A 44 36.48 9.63 -42.95
CA ASP A 44 37.35 10.67 -43.50
C ASP A 44 38.80 10.27 -43.21
N PRO A 45 39.49 9.64 -44.18
CA PRO A 45 40.87 9.22 -43.96
C PRO A 45 41.74 10.27 -43.29
N GLU A 46 41.47 11.55 -43.59
CA GLU A 46 42.22 12.65 -42.99
C GLU A 46 42.20 12.49 -41.47
N TYR A 47 41.09 12.86 -40.86
CA TYR A 47 40.89 12.77 -39.40
C TYR A 47 41.35 11.44 -38.78
N LEU A 48 40.98 10.33 -39.42
CA LEU A 48 41.33 8.98 -38.96
C LEU A 48 42.75 8.65 -39.39
N LYS A 49 43.73 8.92 -38.54
CA LYS A 49 45.09 8.62 -38.90
C LYS A 49 45.19 7.10 -38.90
N GLU A 50 45.65 6.54 -37.80
CA GLU A 50 45.74 5.08 -37.71
C GLU A 50 44.55 4.58 -36.93
N ARG A 51 43.64 5.51 -36.62
CA ARG A 51 42.43 5.20 -35.88
C ARG A 51 41.36 4.58 -36.78
N ARG A 52 40.90 3.38 -36.39
CA ARG A 52 39.90 2.65 -37.13
C ARG A 52 38.49 3.17 -36.84
N VAL A 53 37.50 2.49 -37.42
CA VAL A 53 36.11 2.85 -37.23
C VAL A 53 35.32 1.59 -36.96
N TYR A 54 34.77 1.47 -35.75
CA TYR A 54 33.97 0.31 -35.39
C TYR A 54 32.52 0.73 -35.17
N VAL A 55 31.62 -0.23 -35.22
CA VAL A 55 30.20 0.03 -34.97
C VAL A 55 29.78 -0.99 -33.92
N THR A 56 28.92 -0.56 -32.99
CA THR A 56 28.44 -1.43 -31.91
C THR A 56 26.93 -1.35 -31.75
N LEU A 57 26.32 -2.48 -31.47
CA LEU A 57 24.89 -2.56 -31.29
C LEU A 57 24.70 -3.07 -29.89
N THR A 58 24.30 -2.16 -29.01
CA THR A 58 24.10 -2.53 -27.62
C THR A 58 22.63 -2.50 -27.25
N CYS A 59 22.21 -3.50 -26.47
CA CYS A 59 20.84 -3.59 -25.99
C CYS A 59 20.95 -3.70 -24.49
N ALA A 60 20.53 -2.68 -23.77
CA ALA A 60 20.65 -2.71 -22.33
C ALA A 60 19.50 -2.11 -21.55
N PHE A 61 19.20 -2.76 -20.45
CA PHE A 61 18.16 -2.34 -19.55
C PHE A 61 18.79 -1.29 -18.65
N ARG A 62 18.07 -0.22 -18.39
CA ARG A 62 18.57 0.83 -17.53
C ARG A 62 17.51 1.12 -16.48
N TYR A 63 17.82 1.98 -15.53
CA TYR A 63 16.87 2.29 -14.48
C TYR A 63 17.40 3.50 -13.73
N GLY A 64 16.71 4.64 -13.79
CA GLY A 64 17.17 5.82 -13.09
C GLY A 64 16.94 7.20 -13.71
N ARG A 65 17.82 7.60 -14.65
CA ARG A 65 17.72 8.88 -15.36
C ARG A 65 18.79 8.95 -16.45
N LEU A 73 23.56 7.75 -13.72
CA LEU A 73 22.47 6.77 -13.80
C LEU A 73 22.42 5.89 -12.54
N THR A 74 21.31 5.15 -12.32
CA THR A 74 21.21 4.29 -11.13
C THR A 74 21.34 2.80 -11.46
N PHE A 75 21.41 2.44 -12.75
CA PHE A 75 21.57 1.03 -13.10
C PHE A 75 21.52 0.76 -14.59
N ARG A 76 22.38 -0.14 -15.04
CA ARG A 76 22.44 -0.53 -16.44
C ARG A 76 22.64 -2.01 -16.47
N LYS A 77 22.59 -2.61 -17.65
CA LYS A 77 22.80 -4.04 -17.83
C LYS A 77 22.65 -4.40 -19.30
N ASP A 78 23.75 -4.75 -19.94
CA ASP A 78 23.67 -5.10 -21.35
C ASP A 78 23.09 -6.50 -21.42
N LEU A 79 22.05 -6.66 -22.22
CA LEU A 79 21.45 -7.97 -22.39
C LEU A 79 22.11 -8.49 -23.66
N PHE A 80 22.64 -7.57 -24.46
CA PHE A 80 23.29 -7.94 -25.71
C PHE A 80 24.19 -6.89 -26.31
N VAL A 81 25.35 -7.31 -26.78
CA VAL A 81 26.32 -6.42 -27.42
C VAL A 81 27.07 -7.12 -28.56
N ALA A 82 27.18 -6.44 -29.70
CA ALA A 82 27.88 -7.00 -30.84
C ALA A 82 28.69 -5.88 -31.50
N ASN A 83 29.90 -6.21 -31.97
CA ASN A 83 30.77 -5.22 -32.59
C ASN A 83 31.29 -5.66 -33.95
N VAL A 84 31.66 -4.67 -34.76
CA VAL A 84 32.21 -4.89 -36.09
C VAL A 84 33.15 -3.74 -36.36
N GLN A 85 34.04 -3.92 -37.33
CA GLN A 85 34.99 -2.89 -37.69
C GLN A 85 34.76 -2.58 -39.16
N SER A 86 33.74 -1.79 -39.43
CA SER A 86 33.41 -1.42 -40.79
C SER A 86 34.63 -0.99 -41.61
N PHE A 87 35.60 -0.34 -40.94
CA PHE A 87 36.81 0.12 -41.62
C PHE A 87 38.02 0.28 -40.69
N PRO A 88 39.20 -0.16 -41.14
CA PRO A 88 39.48 -0.80 -42.44
C PRO A 88 38.78 -2.14 -42.58
N PRO A 89 38.02 -2.33 -43.67
CA PRO A 89 37.26 -3.56 -43.95
C PRO A 89 38.04 -4.84 -43.67
N ALA A 90 37.90 -5.38 -42.47
CA ALA A 90 38.60 -6.61 -42.10
C ALA A 90 37.63 -7.79 -42.10
N LYS A 94 33.75 -11.05 -43.77
CA LYS A 94 33.05 -11.53 -44.95
C LYS A 94 31.76 -10.77 -45.22
N LYS A 95 30.63 -11.43 -44.99
CA LYS A 95 29.33 -10.79 -45.11
C LYS A 95 29.02 -10.47 -46.57
N PRO A 96 27.77 -10.69 -46.97
CA PRO A 96 27.40 -10.68 -48.39
C PRO A 96 26.89 -9.32 -48.83
N LEU A 97 26.60 -8.45 -47.87
CA LEU A 97 26.38 -7.03 -48.16
C LEU A 97 24.93 -6.78 -48.58
N THR A 98 24.32 -5.76 -47.98
CA THR A 98 22.91 -5.47 -48.20
C THR A 98 22.66 -4.82 -49.53
N ARG A 99 21.40 -4.86 -49.95
CA ARG A 99 20.97 -4.27 -51.21
C ARG A 99 21.17 -2.76 -51.10
N LEU A 100 20.48 -2.17 -50.12
CA LEU A 100 20.57 -0.74 -49.87
C LEU A 100 21.99 -0.35 -49.53
N GLN A 101 22.69 -1.20 -48.80
CA GLN A 101 24.06 -0.87 -48.46
C GLN A 101 24.83 -0.49 -49.70
N GLU A 102 24.91 -1.40 -50.66
CA GLU A 102 25.64 -1.15 -51.90
C GLU A 102 25.13 0.13 -52.54
N ARG A 103 23.87 0.07 -52.95
CA ARG A 103 23.21 1.19 -53.59
C ARG A 103 23.63 2.52 -52.99
N LEU A 104 23.79 2.51 -51.67
CA LEU A 104 24.16 3.68 -50.88
C LEU A 104 25.64 3.98 -50.98
N ILE A 105 26.45 3.05 -50.49
CA ILE A 105 27.90 3.18 -50.46
C ILE A 105 28.46 3.73 -51.76
N LYS A 106 27.81 3.41 -52.87
CA LYS A 106 28.22 3.92 -54.16
C LYS A 106 27.99 5.41 -54.13
N LYS A 107 26.74 5.82 -54.38
CA LYS A 107 26.37 7.23 -54.38
C LYS A 107 26.64 7.85 -53.03
N LEU A 108 27.88 7.84 -52.60
CA LEU A 108 28.24 8.40 -51.30
C LEU A 108 29.72 8.77 -51.27
N GLY A 109 30.56 7.91 -51.82
CA GLY A 109 31.98 8.20 -51.81
C GLY A 109 32.77 6.93 -51.66
N GLU A 110 34.08 7.03 -51.85
CA GLU A 110 34.98 5.89 -51.73
C GLU A 110 35.23 5.68 -50.26
N HIS A 111 34.89 6.71 -49.48
CA HIS A 111 35.08 6.69 -48.04
C HIS A 111 33.83 6.26 -47.28
N ALA A 112 33.09 5.33 -47.87
CA ALA A 112 31.88 4.79 -47.25
C ALA A 112 32.10 3.28 -47.15
N TYR A 113 31.79 2.73 -46.00
CA TYR A 113 31.94 1.29 -45.80
C TYR A 113 30.74 0.82 -44.98
N PRO A 114 30.30 -0.40 -45.22
CA PRO A 114 29.16 -1.00 -44.53
C PRO A 114 29.48 -1.65 -43.19
N PHE A 115 28.41 -1.99 -42.49
CA PHE A 115 28.45 -2.67 -41.20
C PHE A 115 27.09 -3.35 -41.06
N THR A 116 27.08 -4.59 -40.58
CA THR A 116 25.84 -5.33 -40.44
C THR A 116 25.68 -6.03 -39.09
N PHE A 117 24.45 -5.98 -38.57
CA PHE A 117 24.11 -6.62 -37.29
C PHE A 117 22.84 -7.44 -37.37
N GLU A 118 22.84 -8.57 -36.66
CA GLU A 118 21.67 -9.44 -36.58
C GLU A 118 21.32 -9.42 -35.11
N ILE A 119 20.06 -9.18 -34.78
CA ILE A 119 19.69 -9.14 -33.39
C ILE A 119 19.03 -10.45 -32.95
N PRO A 120 19.61 -11.09 -31.92
CA PRO A 120 19.07 -12.36 -31.39
C PRO A 120 17.58 -12.27 -31.11
N PRO A 121 16.79 -13.11 -31.77
CA PRO A 121 15.33 -13.16 -31.63
C PRO A 121 14.73 -13.06 -30.21
N ASN A 122 15.44 -13.60 -29.23
CA ASN A 122 14.93 -13.60 -27.86
C ASN A 122 15.25 -12.38 -27.04
N LEU A 123 15.68 -11.31 -27.70
CA LEU A 123 16.00 -10.11 -26.96
C LEU A 123 14.73 -9.34 -26.64
N PRO A 124 14.75 -8.55 -25.55
CA PRO A 124 13.56 -7.79 -25.17
C PRO A 124 13.38 -6.72 -26.21
N CYS A 125 12.15 -6.33 -26.49
CA CYS A 125 11.94 -5.29 -27.47
C CYS A 125 12.09 -3.94 -26.86
N SER A 126 12.22 -2.92 -27.69
CA SER A 126 12.37 -1.61 -27.14
C SER A 126 11.14 -1.29 -26.32
N VAL A 127 11.37 -0.85 -25.08
CA VAL A 127 10.31 -0.48 -24.15
C VAL A 127 10.89 0.44 -23.09
N THR A 128 10.11 1.44 -22.68
CA THR A 128 10.56 2.36 -21.65
C THR A 128 9.36 2.64 -20.77
N LEU A 129 9.57 2.74 -19.47
CA LEU A 129 8.48 3.00 -18.55
C LEU A 129 8.46 4.45 -18.08
N GLN A 130 7.44 5.18 -18.50
CA GLN A 130 7.33 6.59 -18.12
C GLN A 130 6.69 6.73 -16.74
N PRO A 131 7.42 7.31 -15.78
CA PRO A 131 6.79 7.46 -14.47
C PRO A 131 6.89 8.93 -14.06
N GLY A 132 6.72 9.20 -12.77
CA GLY A 132 6.84 10.58 -12.28
C GLY A 132 5.69 11.49 -12.63
N PRO A 133 5.93 12.81 -12.77
CA PRO A 133 7.19 13.53 -12.65
C PRO A 133 7.67 13.60 -11.21
N GLU A 134 6.95 12.89 -10.35
CA GLU A 134 7.29 12.83 -8.94
C GLU A 134 8.29 11.70 -8.74
N ASP A 135 7.87 10.48 -9.12
CA ASP A 135 8.74 9.30 -9.01
C ASP A 135 9.70 9.24 -10.20
N THR A 136 10.27 10.39 -10.57
CA THR A 136 11.19 10.48 -11.70
C THR A 136 12.35 9.48 -11.72
N GLY A 137 12.81 9.06 -10.55
CA GLY A 137 13.90 8.13 -10.49
C GLY A 137 13.53 6.68 -10.70
N LYS A 138 12.24 6.38 -10.61
CA LYS A 138 11.76 5.00 -10.80
C LYS A 138 11.40 4.71 -12.24
N ALA A 139 12.09 5.40 -13.15
CA ALA A 139 11.89 5.27 -14.60
C ALA A 139 12.94 4.33 -15.19
N CYS A 140 12.55 3.49 -16.15
CA CYS A 140 13.50 2.54 -16.74
C CYS A 140 13.14 2.07 -18.14
N GLY A 141 13.84 1.06 -18.64
CA GLY A 141 13.52 0.56 -19.97
C GLY A 141 14.59 -0.27 -20.64
N VAL A 142 14.30 -0.73 -21.84
CA VAL A 142 15.23 -1.54 -22.61
C VAL A 142 15.49 -0.77 -23.90
N ASP A 143 16.74 -0.33 -24.11
CA ASP A 143 17.06 0.44 -25.32
C ASP A 143 18.06 -0.23 -26.25
N TYR A 144 18.08 0.22 -27.50
CA TYR A 144 19.02 -0.27 -28.50
C TYR A 144 19.74 0.93 -29.10
N GLU A 145 21.06 0.93 -28.97
CA GLU A 145 21.86 2.03 -29.48
C GLU A 145 22.93 1.52 -30.40
N VAL A 146 23.00 2.11 -31.59
CA VAL A 146 24.02 1.75 -32.57
C VAL A 146 25.07 2.85 -32.48
N LYS A 147 26.29 2.48 -32.09
CA LYS A 147 27.34 3.48 -31.94
C LYS A 147 28.51 3.27 -32.88
N ALA A 148 28.90 4.33 -33.57
CA ALA A 148 30.03 4.27 -34.50
C ALA A 148 31.05 5.30 -34.02
N PHE A 149 32.29 4.86 -33.80
CA PHE A 149 33.34 5.74 -33.28
C PHE A 149 34.69 5.60 -33.97
N CYS A 150 35.57 6.58 -33.73
CA CYS A 150 36.95 6.62 -34.28
C CYS A 150 37.97 6.26 -33.19
N ALA A 151 38.22 4.96 -33.01
CA ALA A 151 39.18 4.52 -32.01
C ALA A 151 40.29 3.69 -32.65
N GLU A 152 41.33 3.38 -31.87
CA GLU A 152 42.45 2.58 -32.37
C GLU A 152 42.20 1.09 -32.12
N ASN A 153 41.36 0.81 -31.13
CA ASN A 153 40.98 -0.55 -30.76
C ASN A 153 39.65 -0.37 -30.05
N LEU A 154 38.72 -1.31 -30.22
CA LEU A 154 37.43 -1.18 -29.57
C LEU A 154 37.47 -1.48 -28.06
N GLU A 155 38.61 -1.21 -27.44
CA GLU A 155 38.80 -1.42 -26.00
C GLU A 155 39.18 -0.09 -25.36
N GLU A 156 39.47 0.86 -26.23
CA GLU A 156 39.87 2.21 -25.87
C GLU A 156 38.71 2.99 -25.24
N LYS A 157 39.02 4.15 -24.66
CA LYS A 157 38.00 4.99 -24.07
C LYS A 157 37.52 5.93 -25.18
N ILE A 158 36.20 5.97 -25.37
CA ILE A 158 35.55 6.76 -26.42
C ILE A 158 35.51 8.29 -26.23
N HIS A 159 35.40 9.01 -27.33
CA HIS A 159 35.33 10.47 -27.32
C HIS A 159 33.96 10.90 -27.83
N LYS A 160 33.26 11.73 -27.05
CA LYS A 160 31.94 12.16 -27.51
C LYS A 160 32.09 12.74 -28.90
N ARG A 161 33.03 13.66 -29.05
CA ARG A 161 33.30 14.34 -30.32
C ARG A 161 33.26 13.47 -31.56
N ASN A 162 34.26 12.59 -31.72
CA ASN A 162 34.33 11.72 -32.90
C ASN A 162 33.64 10.39 -32.75
N SER A 163 32.36 10.46 -32.39
CA SER A 163 31.53 9.29 -32.23
C SER A 163 30.09 9.73 -32.29
N VAL A 164 29.25 8.91 -32.86
CA VAL A 164 27.84 9.25 -32.98
C VAL A 164 27.05 8.04 -32.55
N ARG A 165 25.90 8.26 -31.91
CA ARG A 165 25.07 7.14 -31.48
C ARG A 165 23.62 7.33 -31.95
N LEU A 166 23.00 6.22 -32.35
CA LEU A 166 21.63 6.25 -32.85
C LEU A 166 20.74 5.30 -32.06
N VAL A 167 19.65 5.82 -31.48
CA VAL A 167 18.77 4.93 -30.72
C VAL A 167 17.69 4.39 -31.62
N ILE A 168 17.90 3.14 -32.01
CA ILE A 168 16.98 2.44 -32.87
C ILE A 168 16.14 1.60 -31.94
N ARG A 169 14.97 1.19 -32.42
CA ARG A 169 14.08 0.34 -31.64
C ARG A 169 13.95 -1.05 -32.27
N LYS A 170 13.95 -2.07 -31.42
CA LYS A 170 13.34 -3.35 -31.76
C LYS A 170 11.85 -3.36 -31.46
N VAL A 171 11.03 -3.42 -32.50
CA VAL A 171 9.58 -3.53 -32.34
C VAL A 171 9.11 -4.96 -32.53
N GLN A 172 8.16 -5.38 -31.70
CA GLN A 172 7.63 -6.73 -31.77
C GLN A 172 6.45 -6.86 -32.72
N TYR A 173 6.55 -7.81 -33.64
CA TYR A 173 5.47 -8.06 -34.59
C TYR A 173 5.00 -9.51 -34.49
N ALA A 174 3.69 -9.72 -34.63
CA ALA A 174 3.13 -11.05 -34.58
C ALA A 174 2.03 -11.12 -35.63
N PRO A 175 2.17 -12.03 -36.61
CA PRO A 175 1.16 -12.16 -37.65
C PRO A 175 -0.13 -12.72 -37.06
N GLU A 176 -1.27 -12.28 -37.58
CA GLU A 176 -2.55 -12.76 -37.07
C GLU A 176 -2.74 -14.22 -37.48
N ARG A 177 -2.67 -15.12 -36.49
CA ARG A 177 -2.82 -16.55 -36.71
C ARG A 177 -4.30 -16.96 -36.74
N PRO A 178 -4.97 -16.61 -37.84
CA PRO A 178 -6.39 -16.94 -38.04
C PRO A 178 -6.55 -18.37 -38.56
N GLN A 181 -10.07 -19.77 -31.04
CA GLN A 181 -11.21 -19.01 -30.54
C GLN A 181 -11.28 -17.63 -31.18
N PRO A 182 -10.82 -16.58 -30.48
CA PRO A 182 -10.24 -16.66 -29.13
C PRO A 182 -11.36 -16.83 -28.13
N THR A 183 -11.27 -17.91 -27.34
CA THR A 183 -12.26 -18.26 -26.33
C THR A 183 -12.74 -17.10 -25.43
N ALA A 184 -13.99 -17.18 -24.97
CA ALA A 184 -14.58 -16.15 -24.12
C ALA A 184 -14.29 -16.44 -22.65
N GLU A 185 -14.58 -15.46 -21.80
CA GLU A 185 -14.37 -15.62 -20.37
C GLU A 185 -15.71 -15.52 -19.70
N THR A 186 -15.89 -16.22 -18.59
CA THR A 186 -17.17 -16.20 -17.92
C THR A 186 -17.14 -15.95 -16.44
N THR A 187 -18.29 -15.57 -15.92
CA THR A 187 -18.46 -15.30 -14.49
C THR A 187 -19.93 -15.50 -14.22
N ARG A 188 -20.26 -15.83 -12.98
CA ARG A 188 -21.65 -15.99 -12.61
C ARG A 188 -21.64 -15.70 -11.16
N GLN A 189 -22.49 -14.78 -10.73
CA GLN A 189 -22.49 -14.47 -9.33
C GLN A 189 -23.87 -14.47 -8.75
N PHE A 190 -23.90 -14.27 -7.44
CA PHE A 190 -25.16 -14.25 -6.71
C PHE A 190 -25.18 -12.98 -5.90
N LEU A 191 -26.32 -12.31 -5.95
CA LEU A 191 -26.51 -11.08 -5.21
C LEU A 191 -27.87 -11.28 -4.55
N MET A 192 -27.86 -11.72 -3.29
CA MET A 192 -29.08 -12.00 -2.53
C MET A 192 -30.06 -12.57 -3.52
N SER A 193 -29.53 -13.37 -4.45
CA SER A 193 -30.34 -13.94 -5.50
C SER A 193 -30.48 -15.45 -5.43
N ASP A 194 -31.48 -15.95 -6.14
CA ASP A 194 -31.75 -17.36 -6.17
C ASP A 194 -30.92 -17.95 -7.29
N LYS A 195 -30.86 -17.23 -8.40
CA LYS A 195 -30.11 -17.66 -9.57
C LYS A 195 -28.91 -16.71 -9.73
N PRO A 196 -27.96 -17.03 -10.62
CA PRO A 196 -26.77 -16.22 -10.86
C PRO A 196 -27.00 -15.03 -11.81
N LEU A 197 -25.94 -14.25 -12.05
CA LEU A 197 -26.01 -13.10 -12.96
C LEU A 197 -25.00 -13.42 -14.06
N HIS A 198 -25.03 -14.67 -14.52
CA HIS A 198 -24.11 -15.12 -15.54
C HIS A 198 -23.70 -14.11 -16.63
N LEU A 199 -22.44 -13.66 -16.56
CA LEU A 199 -21.85 -12.70 -17.50
C LEU A 199 -20.68 -13.34 -18.25
N GLU A 200 -20.44 -12.90 -19.48
CA GLU A 200 -19.33 -13.45 -20.24
C GLU A 200 -19.08 -12.68 -21.51
N ALA A 201 -17.84 -12.28 -21.73
CA ALA A 201 -17.50 -11.53 -22.93
C ALA A 201 -16.37 -12.21 -23.64
N SER A 202 -16.02 -11.68 -24.81
CA SER A 202 -14.94 -12.21 -25.64
C SER A 202 -14.47 -11.14 -26.59
N LEU A 203 -13.26 -11.31 -27.11
CA LEU A 203 -12.71 -10.36 -28.05
C LEU A 203 -12.74 -10.95 -29.46
N ASP A 204 -12.85 -10.06 -30.45
CA ASP A 204 -12.87 -10.48 -31.85
C ASP A 204 -11.55 -11.17 -32.15
N LYS A 205 -10.53 -10.41 -32.57
CA LYS A 205 -9.22 -10.98 -32.88
C LYS A 205 -8.53 -11.46 -31.60
N GLU A 206 -7.35 -12.03 -31.76
CA GLU A 206 -6.57 -12.50 -30.62
C GLU A 206 -5.32 -11.62 -30.55
N ILE A 207 -5.03 -10.96 -31.66
CA ILE A 207 -3.90 -10.06 -31.76
C ILE A 207 -4.38 -8.74 -32.36
N TYR A 208 -4.08 -7.63 -31.70
CA TYR A 208 -4.45 -6.33 -32.24
C TYR A 208 -3.20 -5.53 -32.36
N TYR A 209 -3.11 -4.73 -33.42
CA TYR A 209 -1.95 -3.90 -33.63
C TYR A 209 -2.23 -2.53 -33.04
N HIS A 210 -1.22 -1.69 -33.01
CA HIS A 210 -1.39 -0.36 -32.46
C HIS A 210 -2.42 0.33 -33.34
N GLY A 211 -3.32 1.08 -32.71
CA GLY A 211 -4.36 1.78 -33.47
C GLY A 211 -5.55 0.90 -33.79
N GLU A 212 -5.27 -0.36 -34.12
CA GLU A 212 -6.32 -1.32 -34.43
C GLU A 212 -7.32 -1.43 -33.28
N PRO A 213 -8.60 -1.31 -33.61
CA PRO A 213 -9.64 -1.11 -32.59
C PRO A 213 -10.17 -2.43 -32.05
N ILE A 214 -10.24 -2.55 -30.73
CA ILE A 214 -10.71 -3.78 -30.09
C ILE A 214 -12.22 -3.75 -29.89
N SER A 215 -12.85 -4.91 -30.03
CA SER A 215 -14.30 -5.03 -29.84
C SER A 215 -14.62 -6.15 -28.85
N VAL A 216 -15.36 -5.82 -27.81
CA VAL A 216 -15.71 -6.82 -26.84
C VAL A 216 -17.18 -7.10 -26.84
N ASN A 217 -17.53 -8.35 -27.09
CA ASN A 217 -18.94 -8.72 -27.10
C ASN A 217 -19.24 -9.03 -25.67
N VAL A 218 -20.17 -8.28 -25.10
CA VAL A 218 -20.55 -8.52 -23.72
C VAL A 218 -21.87 -9.26 -23.77
N HIS A 219 -21.97 -10.35 -23.05
CA HIS A 219 -23.22 -11.09 -23.03
C HIS A 219 -23.61 -11.28 -21.57
N VAL A 220 -24.74 -10.72 -21.18
CA VAL A 220 -25.17 -10.83 -19.80
C VAL A 220 -26.48 -11.60 -19.69
N THR A 221 -26.54 -12.56 -18.78
CA THR A 221 -27.75 -13.32 -18.60
C THR A 221 -28.19 -13.15 -17.17
N ASN A 222 -28.59 -11.94 -16.84
CA ASN A 222 -29.03 -11.62 -15.49
C ASN A 222 -30.31 -12.35 -15.06
N ASN A 223 -30.18 -13.40 -14.25
CA ASN A 223 -31.34 -14.14 -13.75
C ASN A 223 -31.60 -13.68 -12.34
N THR A 224 -30.94 -12.60 -11.95
CA THR A 224 -31.08 -12.03 -10.63
C THR A 224 -32.26 -11.12 -10.71
N ASN A 225 -32.78 -10.71 -9.57
CA ASN A 225 -33.90 -9.80 -9.55
C ASN A 225 -33.31 -8.40 -9.50
N LYS A 226 -31.99 -8.32 -9.38
CA LYS A 226 -31.31 -7.03 -9.32
C LYS A 226 -31.12 -6.54 -10.74
N THR A 227 -30.76 -5.28 -10.90
CA THR A 227 -30.55 -4.73 -12.24
C THR A 227 -29.17 -4.06 -12.37
N VAL A 228 -28.59 -4.13 -13.56
CA VAL A 228 -27.27 -3.54 -13.80
C VAL A 228 -27.43 -2.08 -14.18
N LYS A 229 -26.86 -1.18 -13.39
CA LYS A 229 -26.96 0.26 -13.66
C LYS A 229 -26.06 0.75 -14.81
N LYS A 230 -24.94 0.06 -15.03
CA LYS A 230 -24.03 0.41 -16.11
C LYS A 230 -22.91 -0.58 -16.36
N ILE A 231 -22.32 -0.48 -17.54
CA ILE A 231 -21.24 -1.36 -17.93
C ILE A 231 -20.03 -0.50 -18.30
N LYS A 232 -18.89 -0.78 -17.70
CA LYS A 232 -17.65 -0.06 -17.97
C LYS A 232 -16.67 -1.01 -18.66
N ILE A 233 -16.25 -0.64 -19.87
CA ILE A 233 -15.30 -1.44 -20.64
C ILE A 233 -13.99 -0.71 -20.71
N SER A 234 -12.89 -1.41 -20.44
CA SER A 234 -11.58 -0.79 -20.46
C SER A 234 -10.47 -1.74 -20.79
N VAL A 235 -9.39 -1.19 -21.35
CA VAL A 235 -8.20 -1.96 -21.68
C VAL A 235 -7.17 -1.58 -20.61
N ARG A 236 -6.67 -2.56 -19.87
CA ARG A 236 -5.70 -2.32 -18.83
C ARG A 236 -4.33 -2.85 -19.25
N GLN A 237 -3.31 -2.02 -19.03
CA GLN A 237 -1.95 -2.39 -19.37
C GLN A 237 -1.15 -2.77 -18.16
N TYR A 238 -0.96 -4.06 -17.96
CA TYR A 238 -0.18 -4.51 -16.83
C TYR A 238 1.29 -4.59 -17.23
N ALA A 239 2.12 -3.83 -16.54
CA ALA A 239 3.55 -3.80 -16.81
C ALA A 239 4.25 -4.27 -15.55
N ASP A 240 5.22 -5.17 -15.72
CA ASP A 240 5.97 -5.70 -14.59
C ASP A 240 7.45 -5.45 -14.79
N ILE A 241 8.09 -4.89 -13.78
CA ILE A 241 9.51 -4.63 -13.85
C ILE A 241 10.14 -5.88 -13.27
N CYS A 242 11.13 -6.43 -13.96
CA CYS A 242 11.75 -7.65 -13.49
C CYS A 242 13.20 -7.52 -13.08
N LEU A 243 13.77 -6.35 -13.27
CA LEU A 243 15.17 -6.12 -12.93
C LEU A 243 15.39 -4.91 -12.07
N PHE A 244 16.40 -5.00 -11.21
CA PHE A 244 16.79 -3.91 -10.32
C PHE A 244 15.72 -3.47 -9.35
N ASN A 245 14.47 -3.66 -9.69
CA ASN A 245 13.44 -3.25 -8.76
C ASN A 245 12.07 -3.84 -9.12
N THR A 246 11.81 -5.05 -8.61
CA THR A 246 10.57 -5.75 -8.89
C THR A 246 9.42 -4.83 -8.55
N ALA A 247 8.41 -4.76 -9.40
CA ALA A 247 7.28 -3.87 -9.14
C ALA A 247 6.17 -4.09 -10.17
N GLN A 248 4.92 -3.92 -9.75
CA GLN A 248 3.75 -4.11 -10.60
C GLN A 248 3.14 -2.81 -11.06
N TYR A 249 2.69 -2.78 -12.31
CA TYR A 249 2.08 -1.58 -12.87
C TYR A 249 0.79 -1.93 -13.61
N LYS A 250 -0.35 -1.76 -12.94
CA LYS A 250 -1.64 -1.67 -13.63
C LYS A 250 -1.93 -0.24 -14.06
N CYS A 251 -2.81 -0.10 -15.05
CA CYS A 251 -3.03 1.18 -15.71
C CYS A 251 -4.01 1.05 -16.86
N PRO A 252 -5.11 1.80 -16.79
CA PRO A 252 -6.14 1.77 -17.82
C PRO A 252 -5.66 2.65 -18.97
N VAL A 253 -5.86 2.23 -20.21
CA VAL A 253 -5.43 3.02 -21.35
C VAL A 253 -6.57 3.26 -22.34
N ALA A 254 -7.74 2.72 -22.00
CA ALA A 254 -8.95 2.83 -22.79
C ALA A 254 -10.10 2.71 -21.79
N MET A 255 -11.21 3.36 -22.06
CA MET A 255 -12.32 3.29 -21.11
C MET A 255 -13.64 3.77 -21.69
N GLU A 256 -14.63 2.91 -21.69
CA GLU A 256 -15.93 3.33 -22.17
C GLU A 256 -16.92 3.05 -21.05
N GLU A 257 -17.52 4.11 -20.54
CA GLU A 257 -18.52 3.98 -19.49
C GLU A 257 -19.87 4.20 -20.12
N ALA A 258 -20.56 3.10 -20.40
CA ALA A 258 -21.87 3.16 -21.00
C ALA A 258 -22.92 2.92 -19.94
N ASP A 259 -23.98 3.71 -19.99
CA ASP A 259 -25.05 3.57 -19.02
C ASP A 259 -26.08 2.61 -19.54
N ASP A 260 -25.63 1.51 -20.11
CA ASP A 260 -26.56 0.52 -20.62
C ASP A 260 -27.01 -0.28 -19.39
N THR A 261 -28.27 -0.70 -19.35
CA THR A 261 -28.75 -1.46 -18.21
C THR A 261 -29.21 -2.87 -18.57
N VAL A 262 -29.23 -3.75 -17.58
CA VAL A 262 -29.67 -5.11 -17.80
C VAL A 262 -30.76 -5.30 -16.77
N ALA A 263 -31.99 -5.53 -17.22
CA ALA A 263 -33.10 -5.71 -16.30
C ALA A 263 -33.15 -7.12 -15.75
N PRO A 264 -33.96 -7.35 -14.70
CA PRO A 264 -34.10 -8.67 -14.07
C PRO A 264 -34.61 -9.72 -15.05
N SER A 265 -34.29 -10.99 -14.80
CA SER A 265 -34.71 -12.09 -15.66
C SER A 265 -34.54 -11.82 -17.16
N SER A 266 -33.62 -10.94 -17.53
CA SER A 266 -33.41 -10.62 -18.94
C SER A 266 -32.02 -10.96 -19.45
N THR A 267 -31.89 -10.96 -20.76
CA THR A 267 -30.59 -11.23 -21.38
C THR A 267 -30.16 -9.99 -22.14
N PHE A 268 -28.91 -9.59 -21.91
CA PHE A 268 -28.35 -8.44 -22.58
C PHE A 268 -27.40 -9.00 -23.62
N CYS A 269 -26.72 -8.12 -24.34
CA CYS A 269 -25.76 -8.55 -25.34
C CYS A 269 -25.47 -7.38 -26.22
N LYS A 270 -24.23 -6.92 -26.21
CA LYS A 270 -23.84 -5.76 -27.00
C LYS A 270 -22.36 -5.81 -27.27
N VAL A 271 -21.91 -5.21 -28.37
CA VAL A 271 -20.48 -5.23 -28.64
C VAL A 271 -19.90 -3.83 -28.54
N TYR A 272 -19.02 -3.65 -27.56
CA TYR A 272 -18.38 -2.37 -27.34
C TYR A 272 -17.07 -2.30 -28.10
N THR A 273 -16.61 -1.10 -28.39
CA THR A 273 -15.37 -0.98 -29.10
C THR A 273 -14.44 0.03 -28.48
N LEU A 274 -13.26 -0.45 -28.16
CA LEU A 274 -12.22 0.34 -27.53
C LEU A 274 -10.99 0.31 -28.40
N THR A 275 -10.24 1.40 -28.39
CA THR A 275 -8.97 1.49 -29.11
C THR A 275 -8.05 2.31 -28.20
N PRO A 276 -7.04 1.64 -27.65
CA PRO A 276 -6.06 2.24 -26.74
C PRO A 276 -5.02 3.04 -27.49
N PHE A 277 -4.98 4.35 -27.25
CA PHE A 277 -4.00 5.22 -27.89
C PHE A 277 -3.13 5.81 -26.80
N LEU A 278 -1.84 6.00 -27.08
CA LEU A 278 -0.97 6.60 -26.09
C LEU A 278 -1.48 8.03 -26.05
N ALA A 279 -1.66 8.59 -27.25
CA ALA A 279 -2.15 9.94 -27.44
C ALA A 279 -3.05 10.46 -26.30
N ASN A 280 -3.91 9.59 -25.77
CA ASN A 280 -4.81 10.00 -24.68
C ASN A 280 -4.05 10.03 -23.37
N ASN A 281 -3.56 8.86 -22.99
CA ASN A 281 -2.81 8.67 -21.77
C ASN A 281 -1.40 9.27 -21.79
N ARG A 282 -1.25 10.52 -22.26
CA ARG A 282 0.09 11.11 -22.33
C ARG A 282 0.61 11.65 -21.01
N GLU A 283 -0.21 11.61 -19.98
CA GLU A 283 0.22 12.13 -18.70
C GLU A 283 -0.16 11.15 -17.63
N LYS A 284 0.20 9.89 -17.85
CA LYS A 284 -0.10 8.83 -16.91
C LYS A 284 1.06 8.62 -15.97
N ARG A 285 0.75 8.02 -14.81
CA ARG A 285 1.73 7.72 -13.78
C ARG A 285 2.72 6.72 -14.40
N GLY A 286 2.68 5.47 -13.96
CA GLY A 286 3.59 4.47 -14.52
C GLY A 286 2.98 3.83 -15.74
N LEU A 287 3.55 4.12 -16.91
CA LEU A 287 3.02 3.59 -18.16
C LEU A 287 4.12 3.09 -19.07
N ALA A 288 3.90 1.93 -19.69
CA ALA A 288 4.89 1.35 -20.59
C ALA A 288 4.73 1.82 -22.04
N LEU A 289 5.73 2.54 -22.55
CA LEU A 289 5.75 3.04 -23.92
C LEU A 289 6.81 2.24 -24.65
N ASP A 290 6.80 2.27 -25.98
CA ASP A 290 7.81 1.53 -26.72
C ASP A 290 8.85 2.51 -27.22
N GLY A 291 8.96 3.64 -26.54
CA GLY A 291 9.91 4.66 -26.91
C GLY A 291 9.80 5.82 -25.94
N LYS A 292 10.52 6.91 -26.19
CA LYS A 292 10.45 8.08 -25.30
C LYS A 292 9.14 8.78 -25.54
N LEU A 293 8.61 9.37 -24.47
CA LEU A 293 7.35 10.06 -24.57
C LEU A 293 7.46 11.27 -25.49
N LYS A 294 8.69 11.67 -25.76
CA LYS A 294 8.95 12.84 -26.60
C LYS A 294 8.65 12.62 -28.08
N HIS A 295 9.29 11.61 -28.68
CA HIS A 295 9.16 11.29 -30.10
C HIS A 295 7.81 10.83 -30.55
N GLU A 296 7.26 11.57 -31.50
CA GLU A 296 5.93 11.28 -31.98
C GLU A 296 5.81 10.03 -32.83
N ASP A 297 6.49 8.97 -32.42
CA ASP A 297 6.43 7.70 -33.11
C ASP A 297 6.34 6.63 -32.02
N THR A 298 6.32 7.09 -30.79
CA THR A 298 6.26 6.24 -29.62
C THR A 298 4.83 5.80 -29.36
N ASN A 299 4.63 4.51 -29.08
CA ASN A 299 3.31 3.96 -28.80
C ASN A 299 3.35 3.21 -27.49
N LEU A 300 2.21 2.63 -27.12
CA LEU A 300 2.15 1.86 -25.89
C LEU A 300 2.93 0.56 -26.14
N ALA A 301 3.83 0.21 -25.23
CA ALA A 301 4.63 -0.99 -25.43
C ALA A 301 3.78 -2.15 -25.85
N SER A 302 4.34 -2.95 -26.74
CA SER A 302 3.64 -4.11 -27.23
C SER A 302 3.73 -5.20 -26.18
N SER A 303 2.75 -6.11 -26.20
CA SER A 303 2.72 -7.24 -25.26
C SER A 303 4.03 -7.99 -25.50
N THR A 304 4.76 -8.30 -24.43
CA THR A 304 6.02 -9.01 -24.60
C THR A 304 5.82 -10.51 -24.76
N LEU A 305 6.50 -11.09 -25.74
CA LEU A 305 6.41 -12.52 -26.01
C LEU A 305 7.10 -13.34 -24.93
N LEU A 306 6.43 -14.37 -24.47
CA LEU A 306 7.00 -15.21 -23.44
C LEU A 306 7.36 -16.57 -24.01
N ARG A 307 8.30 -16.58 -24.96
CA ARG A 307 8.75 -17.81 -25.59
C ARG A 307 8.91 -18.87 -24.51
N GLU A 308 7.96 -19.81 -24.48
CA GLU A 308 7.94 -20.90 -23.50
C GLU A 308 9.34 -21.40 -23.14
N GLY A 309 9.75 -21.06 -21.92
CA GLY A 309 11.08 -21.43 -21.47
C GLY A 309 12.05 -20.33 -21.88
N ALA A 310 11.95 -19.18 -21.20
CA ALA A 310 12.81 -18.04 -21.45
C ALA A 310 12.91 -17.28 -20.15
N ASN A 311 14.11 -16.80 -19.82
CA ASN A 311 14.30 -16.07 -18.57
C ASN A 311 13.65 -14.70 -18.62
N ARG A 312 12.57 -14.52 -17.85
CA ARG A 312 11.87 -13.25 -17.85
C ARG A 312 12.67 -12.11 -17.20
N GLU A 313 13.56 -12.46 -16.28
CA GLU A 313 14.38 -11.43 -15.65
C GLU A 313 15.12 -10.65 -16.73
N ILE A 314 15.68 -11.38 -17.69
CA ILE A 314 16.43 -10.82 -18.83
C ILE A 314 15.58 -9.88 -19.68
N LEU A 315 14.28 -9.84 -19.45
CA LEU A 315 13.42 -9.00 -20.25
C LEU A 315 13.14 -7.63 -19.67
N GLY A 316 13.62 -7.40 -18.46
CA GLY A 316 13.46 -6.11 -17.82
C GLY A 316 12.01 -5.78 -17.56
N ILE A 317 11.28 -5.44 -18.62
CA ILE A 317 9.88 -5.13 -18.46
C ILE A 317 8.99 -6.07 -19.26
N ILE A 318 7.99 -6.61 -18.57
CA ILE A 318 7.05 -7.56 -19.13
C ILE A 318 5.71 -6.89 -19.26
N VAL A 319 5.39 -6.44 -20.46
CA VAL A 319 4.11 -5.79 -20.67
C VAL A 319 3.05 -6.75 -21.20
N SER A 320 1.84 -6.58 -20.70
CA SER A 320 0.70 -7.41 -21.07
C SER A 320 -0.58 -6.58 -20.96
N TYR A 321 -1.55 -6.84 -21.84
CA TYR A 321 -2.81 -6.12 -21.79
C TYR A 321 -3.99 -7.07 -21.66
N LYS A 322 -5.07 -6.54 -21.09
CA LYS A 322 -6.28 -7.32 -20.91
C LYS A 322 -7.45 -6.35 -21.04
N VAL A 323 -8.63 -6.85 -21.41
CA VAL A 323 -9.82 -6.01 -21.52
C VAL A 323 -10.77 -6.35 -20.39
N LYS A 324 -11.05 -5.38 -19.52
CA LYS A 324 -11.94 -5.64 -18.39
C LYS A 324 -13.33 -5.09 -18.61
N VAL A 325 -14.32 -5.98 -18.43
CA VAL A 325 -15.74 -5.66 -18.56
C VAL A 325 -16.37 -5.67 -17.19
N LYS A 326 -16.71 -4.50 -16.66
CA LYS A 326 -17.30 -4.44 -15.31
C LYS A 326 -18.74 -4.01 -15.31
N LEU A 327 -19.57 -4.72 -14.56
CA LEU A 327 -20.99 -4.43 -14.42
C LEU A 327 -21.24 -3.79 -13.07
N VAL A 328 -22.06 -2.75 -13.01
CA VAL A 328 -22.34 -2.08 -11.75
C VAL A 328 -23.75 -2.39 -11.26
N VAL A 329 -23.97 -3.58 -10.70
CA VAL A 329 -25.28 -3.93 -10.19
C VAL A 329 -25.64 -3.04 -9.01
N SER A 330 -26.92 -2.95 -8.69
CA SER A 330 -27.37 -2.12 -7.56
C SER A 330 -27.26 -2.86 -6.22
N ARG A 331 -27.31 -4.19 -6.26
CA ARG A 331 -27.21 -4.98 -5.04
C ARG A 331 -28.37 -4.76 -4.07
N ALA A 339 -26.87 0.15 -2.87
CA ALA A 339 -26.49 0.97 -4.01
C ALA A 339 -25.04 0.75 -4.46
N SER A 340 -24.85 0.08 -5.59
CA SER A 340 -23.54 -0.19 -6.19
C SER A 340 -22.71 -1.41 -5.74
N SER A 341 -22.65 -2.42 -6.62
CA SER A 341 -21.91 -3.68 -6.46
C SER A 341 -21.21 -3.94 -7.80
N ASP A 342 -20.06 -4.62 -7.81
CA ASP A 342 -19.37 -4.82 -9.08
C ASP A 342 -19.06 -6.25 -9.48
N VAL A 343 -19.46 -6.60 -10.69
CA VAL A 343 -19.20 -7.94 -11.22
C VAL A 343 -18.47 -7.74 -12.53
N ALA A 344 -17.43 -8.53 -12.78
CA ALA A 344 -16.70 -8.36 -14.03
C ALA A 344 -15.79 -9.52 -14.37
N VAL A 345 -15.17 -9.44 -15.54
CA VAL A 345 -14.24 -10.45 -16.00
C VAL A 345 -13.28 -9.75 -16.95
N GLU A 346 -12.01 -10.17 -16.96
CA GLU A 346 -11.02 -9.57 -17.85
C GLU A 346 -10.72 -10.50 -19.01
N LEU A 347 -10.31 -9.93 -20.13
CA LEU A 347 -10.01 -10.73 -21.31
C LEU A 347 -8.61 -10.44 -21.77
N PRO A 348 -7.76 -11.46 -21.80
CA PRO A 348 -6.38 -11.25 -22.24
C PRO A 348 -6.36 -11.05 -23.75
N PHE A 349 -5.28 -10.44 -24.26
CA PHE A 349 -5.10 -10.20 -25.69
C PHE A 349 -3.74 -9.62 -25.98
N THR A 350 -3.23 -9.88 -27.19
CA THR A 350 -1.90 -9.38 -27.55
C THR A 350 -1.93 -8.09 -28.34
N LEU A 351 -1.06 -7.16 -27.98
CA LEU A 351 -1.03 -5.89 -28.70
C LEU A 351 0.32 -5.81 -29.41
N MET A 352 0.31 -5.97 -30.72
CA MET A 352 1.55 -5.91 -31.49
C MET A 352 1.82 -4.59 -32.22
N HIS A 353 2.89 -4.58 -32.98
CA HIS A 353 3.30 -3.42 -33.73
C HIS A 353 2.94 -3.78 -35.17
N PRO A 354 2.32 -2.85 -35.91
CA PRO A 354 1.93 -3.08 -37.31
C PRO A 354 3.03 -3.67 -38.19
N LYS A 355 2.63 -4.43 -39.21
CA LYS A 355 3.60 -5.02 -40.13
C LYS A 355 3.97 -3.99 -41.21
N PRO A 356 5.23 -4.07 -41.69
CA PRO A 356 5.78 -3.18 -42.72
C PRO A 356 4.95 -3.11 -44.02
N ASP A 384 13.03 4.62 -54.96
CA ASP A 384 13.84 5.30 -55.95
C ASP A 384 14.90 6.20 -55.33
N ASP A 385 16.11 6.20 -55.91
CA ASP A 385 17.24 7.00 -55.42
C ASP A 385 17.46 6.95 -53.91
N ILE A 386 17.42 8.11 -53.26
CA ILE A 386 17.59 8.23 -51.83
C ILE A 386 16.82 9.50 -51.47
N VAL A 387 16.77 9.80 -50.18
CA VAL A 387 16.12 11.02 -49.70
C VAL A 387 16.40 11.27 -48.23
N PHE A 388 17.44 12.06 -47.96
CA PHE A 388 18.13 12.00 -46.68
C PHE A 388 17.36 12.72 -45.59
N GLU A 389 17.27 12.10 -44.42
CA GLU A 389 16.57 12.69 -43.28
C GLU A 389 17.50 12.54 -42.10
N ASP A 390 17.30 13.33 -41.06
CA ASP A 390 18.13 13.23 -39.88
C ASP A 390 17.56 12.14 -38.99
N PHE A 391 18.40 11.20 -38.56
CA PHE A 391 17.90 10.14 -37.69
C PHE A 391 17.08 10.83 -36.63
N ALA A 392 17.68 11.87 -36.04
CA ALA A 392 17.05 12.69 -35.01
C ALA A 392 16.39 11.85 -33.93
N ARG A 393 17.20 11.24 -33.07
CA ARG A 393 16.66 10.42 -31.99
C ARG A 393 17.80 9.78 -31.18
N VAL B 8 -24.14 -43.37 23.31
CA VAL B 8 -25.49 -43.23 22.66
C VAL B 8 -26.22 -41.99 23.21
N PHE B 9 -26.46 -41.01 22.34
CA PHE B 9 -27.12 -39.75 22.73
C PHE B 9 -28.60 -39.73 22.36
N LYS B 10 -29.38 -38.94 23.09
CA LYS B 10 -30.82 -38.85 22.81
C LYS B 10 -31.39 -37.49 23.18
N LYS B 11 -32.60 -37.22 22.69
CA LYS B 11 -33.30 -35.95 22.96
C LYS B 11 -34.81 -36.17 22.92
N ALA B 12 -35.56 -35.34 23.66
CA ALA B 12 -37.02 -35.48 23.71
C ALA B 12 -37.75 -34.14 23.60
N THR B 19 -39.49 -40.05 21.50
CA THR B 19 -38.14 -39.68 21.89
C THR B 19 -37.13 -40.18 20.85
N VAL B 20 -36.00 -39.46 20.72
CA VAL B 20 -34.95 -39.78 19.74
C VAL B 20 -33.62 -40.25 20.33
N TYR B 21 -33.10 -41.34 19.76
CA TYR B 21 -31.83 -41.94 20.19
C TYR B 21 -30.89 -42.09 19.00
N LEU B 22 -29.61 -41.89 19.26
CA LEU B 22 -28.60 -41.97 18.22
C LEU B 22 -27.20 -42.02 18.86
N GLY B 23 -26.36 -42.92 18.38
CA GLY B 23 -25.01 -43.05 18.90
C GLY B 23 -24.04 -42.49 17.89
N LYS B 24 -23.20 -41.55 18.31
CA LYS B 24 -22.19 -40.88 17.47
C LYS B 24 -22.83 -39.71 16.69
N ARG B 25 -22.71 -38.50 17.25
CA ARG B 25 -23.28 -37.30 16.64
C ARG B 25 -22.72 -36.94 15.26
N ASP B 26 -21.40 -36.81 15.18
CA ASP B 26 -20.74 -36.45 13.93
C ASP B 26 -20.24 -37.69 13.23
N PHE B 27 -20.38 -37.75 11.90
CA PHE B 27 -19.93 -38.91 11.15
C PHE B 27 -18.79 -38.56 10.18
N VAL B 28 -18.00 -39.56 9.80
CA VAL B 28 -16.85 -39.34 8.92
C VAL B 28 -17.13 -39.52 7.43
N ASP B 29 -16.33 -38.83 6.61
CA ASP B 29 -16.40 -38.91 5.15
C ASP B 29 -14.98 -39.20 4.67
N HIS B 30 -14.84 -39.88 3.53
CA HIS B 30 -13.52 -40.23 3.00
C HIS B 30 -13.40 -39.99 1.49
N LEU B 33 -17.09 -42.55 0.11
CA LEU B 33 -17.08 -43.49 1.21
C LEU B 33 -17.37 -42.78 2.54
N VAL B 34 -18.64 -42.80 3.00
CA VAL B 34 -19.05 -42.13 4.25
C VAL B 34 -19.59 -43.05 5.37
N GLU B 35 -19.34 -42.68 6.61
CA GLU B 35 -19.82 -43.46 7.77
C GLU B 35 -21.32 -43.28 7.95
N PRO B 36 -22.12 -44.35 7.76
CA PRO B 36 -23.58 -44.35 7.88
C PRO B 36 -24.16 -43.79 9.18
N VAL B 37 -25.43 -43.36 9.10
CA VAL B 37 -26.16 -42.78 10.22
C VAL B 37 -26.95 -43.79 11.06
N ASP B 38 -26.47 -44.03 12.29
CA ASP B 38 -27.10 -44.98 13.20
C ASP B 38 -27.87 -44.33 14.33
N GLY B 39 -29.19 -44.49 14.30
CA GLY B 39 -30.04 -43.92 15.33
C GLY B 39 -31.35 -44.67 15.44
N VAL B 40 -32.05 -44.49 16.56
CA VAL B 40 -33.33 -45.16 16.78
C VAL B 40 -34.35 -44.20 17.33
N VAL B 41 -35.60 -44.65 17.39
CA VAL B 41 -36.70 -43.84 17.90
C VAL B 41 -37.60 -44.68 18.82
N LEU B 42 -38.18 -44.04 19.84
CA LEU B 42 -39.06 -44.72 20.80
C LEU B 42 -40.13 -45.56 20.10
N VAL B 55 -39.22 -41.24 9.67
CA VAL B 55 -38.20 -40.23 9.90
C VAL B 55 -37.14 -40.22 8.81
N THR B 56 -36.88 -39.01 8.30
CA THR B 56 -35.89 -38.76 7.27
C THR B 56 -34.96 -37.64 7.77
N LEU B 57 -33.84 -37.43 7.08
CA LEU B 57 -32.86 -36.40 7.45
C LEU B 57 -32.34 -35.71 6.17
N THR B 58 -32.65 -34.43 6.02
CA THR B 58 -32.23 -33.68 4.85
C THR B 58 -31.13 -32.68 5.14
N CYS B 59 -30.22 -32.54 4.19
CA CYS B 59 -29.10 -31.61 4.31
C CYS B 59 -29.32 -30.39 3.44
N ALA B 60 -29.45 -29.25 4.10
CA ALA B 60 -29.69 -28.01 3.38
C ALA B 60 -28.70 -26.92 3.77
N PHE B 61 -28.59 -25.92 2.90
CA PHE B 61 -27.72 -24.76 3.09
C PHE B 61 -28.57 -23.59 3.55
N ARG B 62 -28.20 -22.95 4.65
CA ARG B 62 -28.96 -21.81 5.14
C ARG B 62 -28.29 -20.48 4.81
N TYR B 63 -29.00 -19.38 5.05
CA TYR B 63 -28.46 -18.05 4.80
C TYR B 63 -29.39 -16.99 5.38
N GLY B 64 -28.83 -16.08 6.16
CA GLY B 64 -29.64 -15.02 6.75
C GLY B 64 -29.68 -15.09 8.26
N ARG B 65 -29.78 -16.31 8.80
CA ARG B 65 -29.83 -16.47 10.25
C ARG B 65 -31.08 -15.82 10.80
N GLU B 66 -32.16 -16.61 10.83
CA GLU B 66 -33.43 -16.12 11.33
C GLU B 66 -33.71 -16.54 12.76
N LEU B 71 -35.96 -19.44 12.40
CA LEU B 71 -36.56 -18.21 12.90
C LEU B 71 -37.17 -17.34 11.79
N GLY B 72 -36.37 -16.44 11.22
CA GLY B 72 -36.81 -15.56 10.15
C GLY B 72 -36.26 -15.98 8.80
N LEU B 73 -34.93 -16.18 8.76
CA LEU B 73 -34.20 -16.62 7.57
C LEU B 73 -34.24 -15.68 6.35
N THR B 74 -33.66 -16.12 5.24
CA THR B 74 -33.60 -15.34 3.99
C THR B 74 -33.43 -16.24 2.76
N PHE B 75 -32.99 -17.48 2.96
CA PHE B 75 -32.78 -18.41 1.85
C PHE B 75 -32.52 -19.80 2.39
N ARG B 76 -32.67 -20.80 1.53
CA ARG B 76 -32.45 -22.17 1.92
C ARG B 76 -32.54 -23.08 0.72
N LYS B 77 -31.60 -24.01 0.59
CA LYS B 77 -31.61 -24.93 -0.51
C LYS B 77 -31.27 -26.29 0.00
N ASP B 78 -32.28 -27.13 0.18
CA ASP B 78 -32.04 -28.48 0.65
C ASP B 78 -31.21 -29.17 -0.42
N LEU B 79 -30.02 -29.63 -0.05
CA LEU B 79 -29.13 -30.26 -1.01
C LEU B 79 -29.27 -31.77 -1.05
N PHE B 80 -29.88 -32.35 -0.03
CA PHE B 80 -30.06 -33.79 -0.01
C PHE B 80 -31.41 -34.28 0.50
N VAL B 81 -32.21 -34.83 -0.42
CA VAL B 81 -33.52 -35.38 -0.12
C VAL B 81 -33.31 -36.70 0.62
N ALA B 82 -33.34 -36.63 1.95
CA ALA B 82 -33.14 -37.83 2.76
C ALA B 82 -33.91 -37.78 4.06
N PRO B 96 -31.54 -54.74 6.78
CA PRO B 96 -30.51 -55.48 7.54
C PRO B 96 -29.78 -54.62 8.57
N LEU B 97 -30.24 -54.65 9.82
CA LEU B 97 -29.64 -53.87 10.91
C LEU B 97 -28.16 -54.23 11.14
N THR B 98 -27.51 -53.55 12.08
CA THR B 98 -26.10 -53.80 12.38
C THR B 98 -25.76 -53.80 13.87
N ARG B 99 -24.54 -53.50 14.21
CA ARG B 99 -24.02 -53.51 15.56
C ARG B 99 -25.02 -52.92 16.55
N LEU B 100 -24.86 -51.64 16.88
CA LEU B 100 -25.74 -50.99 17.85
C LEU B 100 -27.10 -50.81 17.20
N GLN B 101 -27.20 -51.21 15.93
CA GLN B 101 -28.45 -51.10 15.17
C GLN B 101 -29.37 -52.23 15.62
N GLU B 102 -29.04 -52.80 16.76
CA GLU B 102 -29.82 -53.88 17.34
C GLU B 102 -29.49 -53.92 18.82
N ARG B 103 -28.29 -53.46 19.16
CA ARG B 103 -27.83 -53.43 20.55
C ARG B 103 -28.72 -52.46 21.33
N LEU B 104 -29.67 -51.86 20.63
CA LEU B 104 -30.59 -50.90 21.24
C LEU B 104 -32.03 -51.42 21.24
N ILE B 105 -32.36 -52.32 20.31
CA ILE B 105 -33.71 -52.86 20.20
C ILE B 105 -34.22 -53.55 21.47
N LYS B 106 -33.47 -53.41 22.56
CA LYS B 106 -33.84 -54.00 23.85
C LYS B 106 -33.17 -53.24 24.98
N LYS B 107 -32.70 -52.02 24.68
CA LYS B 107 -32.00 -51.18 25.65
C LYS B 107 -32.96 -50.88 26.82
N LEU B 108 -34.11 -50.31 26.48
CA LEU B 108 -35.15 -49.99 27.43
C LEU B 108 -36.44 -49.99 26.60
N GLY B 109 -36.45 -50.87 25.61
CA GLY B 109 -37.60 -51.01 24.72
C GLY B 109 -37.33 -51.97 23.57
N GLU B 110 -38.41 -52.46 22.95
CA GLU B 110 -38.34 -53.39 21.81
C GLU B 110 -39.31 -52.90 20.75
N HIS B 111 -40.20 -52.01 21.18
CA HIS B 111 -41.24 -51.40 20.33
C HIS B 111 -40.70 -50.19 19.56
N ALA B 112 -39.40 -50.18 19.30
CA ALA B 112 -38.76 -49.07 18.60
C ALA B 112 -38.48 -49.38 17.13
N TYR B 113 -38.20 -48.32 16.38
CA TYR B 113 -37.89 -48.42 14.95
C TYR B 113 -36.53 -47.77 14.69
N PRO B 114 -35.60 -48.53 14.09
CA PRO B 114 -34.25 -48.06 13.77
C PRO B 114 -34.21 -47.42 12.39
N PHE B 115 -33.15 -46.67 12.10
CA PHE B 115 -32.99 -46.02 10.80
C PHE B 115 -31.52 -45.81 10.45
N THR B 116 -31.17 -46.17 9.21
CA THR B 116 -29.81 -46.06 8.70
C THR B 116 -29.76 -45.23 7.41
N PHE B 117 -28.86 -44.26 7.36
CA PHE B 117 -28.73 -43.42 6.18
C PHE B 117 -27.38 -43.51 5.48
N GLU B 118 -27.42 -43.41 4.17
CA GLU B 118 -26.21 -43.46 3.37
C GLU B 118 -25.93 -42.11 2.69
N ILE B 119 -25.35 -41.20 3.45
CA ILE B 119 -25.02 -39.87 2.94
C ILE B 119 -23.91 -39.97 1.90
N PRO B 120 -24.23 -39.67 0.62
CA PRO B 120 -23.25 -39.73 -0.48
C PRO B 120 -21.85 -39.16 -0.18
N PRO B 121 -20.84 -39.56 -0.99
CA PRO B 121 -19.43 -39.14 -0.84
C PRO B 121 -19.01 -37.74 -1.29
N ASN B 122 -19.95 -36.79 -1.37
CA ASN B 122 -19.58 -35.44 -1.81
C ASN B 122 -20.56 -34.40 -1.34
N LEU B 123 -20.97 -34.49 -0.08
CA LEU B 123 -21.89 -33.52 0.43
C LEU B 123 -21.27 -32.55 1.41
N PRO B 124 -21.46 -31.25 1.15
CA PRO B 124 -20.93 -30.14 1.96
C PRO B 124 -20.97 -30.44 3.45
N CYS B 125 -19.81 -30.71 4.03
CA CYS B 125 -19.73 -31.00 5.45
C CYS B 125 -20.33 -29.83 6.20
N SER B 126 -20.63 -30.03 7.48
CA SER B 126 -21.18 -28.92 8.26
C SER B 126 -20.18 -27.79 8.10
N VAL B 127 -20.66 -26.55 8.08
CA VAL B 127 -19.79 -25.39 7.95
C VAL B 127 -20.68 -24.24 8.39
N THR B 128 -20.10 -23.18 8.93
CA THR B 128 -20.94 -22.07 9.41
C THR B 128 -20.25 -20.73 9.55
N LEU B 129 -20.40 -19.87 8.57
CA LEU B 129 -19.77 -18.56 8.65
C LEU B 129 -20.69 -17.63 9.40
N GLN B 130 -20.13 -16.84 10.31
CA GLN B 130 -20.89 -15.83 11.03
C GLN B 130 -20.15 -14.50 11.06
N PRO B 131 -20.78 -13.46 10.54
CA PRO B 131 -20.15 -12.14 10.44
C PRO B 131 -20.20 -11.38 11.77
N GLY B 132 -20.04 -10.07 11.71
CA GLY B 132 -19.91 -9.26 12.91
C GLY B 132 -20.97 -8.20 13.21
N PRO B 133 -21.12 -7.15 12.37
CA PRO B 133 -20.37 -6.89 11.11
C PRO B 133 -18.86 -6.69 11.31
N LYS B 138 -25.97 -11.56 7.06
CA LYS B 138 -25.09 -12.16 6.06
C LYS B 138 -24.44 -13.45 6.55
N ALA B 139 -25.03 -14.08 7.57
CA ALA B 139 -24.50 -15.32 8.13
C ALA B 139 -25.10 -16.53 7.42
N CYS B 140 -24.36 -17.63 7.33
CA CYS B 140 -24.87 -18.83 6.66
C CYS B 140 -24.11 -20.12 6.98
N GLY B 141 -24.43 -21.19 6.25
CA GLY B 141 -23.76 -22.46 6.48
C GLY B 141 -24.53 -23.69 6.08
N VAL B 142 -23.84 -24.79 5.83
CA VAL B 142 -24.49 -26.04 5.46
C VAL B 142 -24.79 -26.82 6.76
N ASP B 143 -26.07 -27.09 7.02
CA ASP B 143 -26.47 -27.80 8.24
C ASP B 143 -27.07 -29.17 7.93
N TYR B 144 -27.09 -30.04 8.95
CA TYR B 144 -27.65 -31.39 8.82
C TYR B 144 -28.83 -31.64 9.79
N GLU B 145 -30.03 -31.64 9.22
CA GLU B 145 -31.30 -31.80 9.95
C GLU B 145 -31.87 -33.20 10.00
N VAL B 146 -32.04 -33.71 11.22
CA VAL B 146 -32.62 -35.03 11.47
C VAL B 146 -34.10 -34.90 11.78
N LYS B 147 -34.94 -34.95 10.77
CA LYS B 147 -36.38 -34.80 10.99
C LYS B 147 -37.04 -36.03 11.58
N ALA B 148 -37.40 -35.94 12.87
CA ALA B 148 -38.06 -37.05 13.58
C ALA B 148 -39.53 -36.71 13.83
N PHE B 149 -40.38 -37.04 12.86
CA PHE B 149 -41.82 -36.77 12.95
C PHE B 149 -42.54 -37.78 13.85
N LYS B 160 -46.04 -30.10 14.74
CA LYS B 160 -46.00 -29.21 15.89
C LYS B 160 -44.82 -29.45 16.81
N ARG B 161 -45.09 -29.55 18.11
CA ARG B 161 -44.04 -29.81 19.11
C ARG B 161 -43.96 -31.33 19.33
N ASN B 162 -44.84 -32.05 18.64
CA ASN B 162 -44.92 -33.50 18.71
C ASN B 162 -44.03 -34.14 17.65
N SER B 163 -42.79 -33.64 17.60
CA SER B 163 -41.76 -34.11 16.69
C SER B 163 -40.49 -33.46 17.20
N VAL B 164 -39.35 -34.00 16.79
CA VAL B 164 -38.07 -33.45 17.21
C VAL B 164 -37.07 -33.69 16.07
N ARG B 165 -36.07 -32.82 15.99
CA ARG B 165 -35.06 -32.92 14.94
C ARG B 165 -33.63 -32.77 15.49
N LEU B 166 -32.66 -33.23 14.72
CA LEU B 166 -31.27 -33.16 15.18
C LEU B 166 -30.28 -32.41 14.31
N VAL B 167 -29.38 -31.68 15.00
CA VAL B 167 -28.32 -30.88 14.40
C VAL B 167 -26.99 -31.66 14.48
N ILE B 168 -26.78 -32.58 13.52
CA ILE B 168 -25.55 -33.39 13.49
C ILE B 168 -24.55 -32.92 12.42
N ARG B 169 -23.25 -33.04 12.72
CA ARG B 169 -22.22 -32.61 11.78
C ARG B 169 -21.65 -33.70 10.92
N LYS B 170 -21.42 -33.38 9.65
CA LYS B 170 -20.79 -34.31 8.75
C LYS B 170 -19.41 -33.69 8.61
N VAL B 171 -18.39 -34.34 9.20
CA VAL B 171 -17.04 -33.82 9.13
C VAL B 171 -16.17 -34.57 8.12
N GLN B 172 -15.14 -33.87 7.63
CA GLN B 172 -14.23 -34.42 6.65
C GLN B 172 -12.98 -34.97 7.33
N TYR B 173 -12.54 -36.15 6.88
CA TYR B 173 -11.37 -36.80 7.45
C TYR B 173 -10.57 -37.46 6.33
N ALA B 174 -9.32 -37.07 6.20
CA ALA B 174 -8.47 -37.60 5.16
C ALA B 174 -7.49 -38.64 5.67
N PRO B 175 -6.77 -39.30 4.75
CA PRO B 175 -5.77 -40.31 5.10
C PRO B 175 -4.43 -39.60 5.33
N GLU B 176 -3.40 -40.01 4.57
CA GLU B 176 -2.06 -39.42 4.64
C GLU B 176 -1.37 -39.52 3.28
N ARG B 177 -2.00 -38.95 2.25
CA ARG B 177 -1.49 -38.96 0.87
C ARG B 177 0.05 -39.03 0.76
N PRO B 178 0.61 -40.21 0.47
CA PRO B 178 2.07 -40.36 0.33
C PRO B 178 2.64 -39.56 -0.85
N GLN B 181 6.65 -35.06 0.44
CA GLN B 181 7.04 -33.69 0.69
C GLN B 181 6.44 -32.72 -0.31
N PRO B 182 5.51 -31.90 0.15
CA PRO B 182 4.77 -31.00 -0.75
C PRO B 182 5.64 -29.83 -1.21
N THR B 183 5.66 -29.59 -2.52
CA THR B 183 6.47 -28.52 -3.09
C THR B 183 6.61 -27.27 -2.27
N ALA B 184 7.63 -26.49 -2.61
CA ALA B 184 7.91 -25.24 -1.94
C ALA B 184 7.51 -24.08 -2.85
N GLU B 185 7.22 -22.94 -2.24
CA GLU B 185 6.85 -21.75 -3.00
C GLU B 185 8.05 -20.83 -2.98
N THR B 186 8.23 -20.07 -4.04
CA THR B 186 9.39 -19.19 -4.15
C THR B 186 9.04 -17.76 -4.57
N THR B 187 10.03 -16.87 -4.41
CA THR B 187 9.89 -15.46 -4.80
C THR B 187 11.29 -14.91 -5.01
N ARG B 188 11.45 -13.98 -5.93
CA ARG B 188 12.75 -13.36 -6.16
C ARG B 188 12.41 -11.90 -6.31
N GLN B 189 12.93 -11.07 -5.41
CA GLN B 189 12.62 -9.66 -5.49
C GLN B 189 13.88 -8.86 -5.63
N PHE B 190 13.77 -7.72 -6.29
CA PHE B 190 14.89 -6.82 -6.49
C PHE B 190 14.48 -5.55 -5.79
N LEU B 191 15.38 -5.00 -4.98
CA LEU B 191 15.07 -3.83 -4.18
C LEU B 191 16.16 -2.76 -4.32
N MET B 192 16.08 -1.97 -5.39
CA MET B 192 17.22 -1.20 -5.86
C MET B 192 18.51 -2.00 -5.76
N SER B 193 18.53 -3.16 -6.43
CA SER B 193 19.57 -4.15 -6.20
C SER B 193 19.71 -5.09 -7.39
N ASP B 194 20.95 -5.27 -7.85
CA ASP B 194 21.20 -5.95 -9.12
C ASP B 194 21.15 -7.44 -8.91
N LYS B 195 20.98 -7.81 -7.65
CA LYS B 195 20.87 -9.19 -7.24
C LYS B 195 19.51 -9.26 -6.55
N PRO B 196 18.91 -10.45 -6.49
CA PRO B 196 17.59 -10.57 -5.84
C PRO B 196 17.63 -10.87 -4.35
N LEU B 197 16.46 -11.08 -3.79
CA LEU B 197 16.31 -11.42 -2.39
C LEU B 197 15.42 -12.65 -2.45
N HIS B 198 16.01 -13.77 -2.79
CA HIS B 198 15.31 -15.03 -2.95
C HIS B 198 14.69 -15.63 -1.68
N LEU B 199 13.37 -15.50 -1.53
CA LEU B 199 12.66 -16.07 -0.39
C LEU B 199 12.10 -17.41 -0.84
N GLU B 200 12.16 -18.40 0.03
CA GLU B 200 11.67 -19.71 -0.35
C GLU B 200 11.19 -20.45 0.88
N ALA B 201 9.93 -20.88 0.85
CA ALA B 201 9.37 -21.60 1.99
C ALA B 201 8.57 -22.82 1.54
N SER B 202 8.16 -23.62 2.51
CA SER B 202 7.38 -24.83 2.27
C SER B 202 6.86 -25.46 3.56
N LEU B 203 5.95 -26.41 3.41
CA LEU B 203 5.39 -27.10 4.56
C LEU B 203 5.78 -28.57 4.48
N ASP B 204 5.97 -29.17 5.65
CA ASP B 204 6.33 -30.57 5.75
C ASP B 204 5.23 -31.43 5.11
N LYS B 205 4.07 -31.50 5.77
CA LYS B 205 2.93 -32.26 5.25
C LYS B 205 2.02 -31.34 4.46
N GLU B 206 0.90 -31.87 3.99
CA GLU B 206 -0.06 -31.10 3.20
C GLU B 206 -1.48 -31.42 3.67
N ILE B 207 -1.58 -32.07 4.83
CA ILE B 207 -2.87 -32.42 5.41
C ILE B 207 -2.75 -32.45 6.94
N TYR B 208 -3.10 -31.34 7.58
CA TYR B 208 -3.01 -31.28 9.03
C TYR B 208 -4.38 -31.45 9.66
N TYR B 209 -4.41 -31.62 10.97
CA TYR B 209 -5.66 -31.80 11.69
C TYR B 209 -5.80 -30.68 12.66
N HIS B 210 -7.02 -30.37 13.06
CA HIS B 210 -7.23 -29.29 14.01
C HIS B 210 -6.31 -29.60 15.17
N GLY B 211 -5.97 -28.57 15.94
CA GLY B 211 -5.09 -28.78 17.07
C GLY B 211 -3.65 -29.12 16.70
N GLU B 212 -3.48 -29.89 15.62
CA GLU B 212 -2.15 -30.29 15.15
C GLU B 212 -1.32 -29.10 14.69
N PRO B 213 -0.05 -29.02 15.13
CA PRO B 213 0.81 -27.91 14.73
C PRO B 213 1.39 -28.09 13.33
N ILE B 214 1.62 -26.95 12.68
CA ILE B 214 2.16 -26.91 11.32
C ILE B 214 3.55 -26.30 11.34
N SER B 215 4.49 -26.96 10.69
CA SER B 215 5.85 -26.44 10.64
C SER B 215 6.08 -25.80 9.29
N VAL B 216 6.63 -24.60 9.30
CA VAL B 216 6.91 -23.92 8.05
C VAL B 216 8.39 -23.71 8.01
N ASN B 217 9.03 -24.08 6.92
CA ASN B 217 10.46 -23.87 6.83
C ASN B 217 10.73 -22.69 5.90
N VAL B 218 11.29 -21.63 6.47
CA VAL B 218 11.59 -20.43 5.72
C VAL B 218 13.06 -20.44 5.34
N HIS B 219 13.36 -20.08 4.10
CA HIS B 219 14.72 -20.05 3.65
C HIS B 219 15.01 -18.81 2.80
N VAL B 220 15.47 -17.75 3.44
CA VAL B 220 15.79 -16.53 2.71
C VAL B 220 17.22 -16.55 2.20
N THR B 221 17.44 -15.98 1.02
CA THR B 221 18.78 -15.93 0.45
C THR B 221 18.95 -14.51 -0.06
N ASN B 222 19.11 -13.59 0.89
CA ASN B 222 19.26 -12.15 0.65
C ASN B 222 20.53 -11.68 -0.09
N ASN B 223 20.48 -11.65 -1.41
CA ASN B 223 21.61 -11.19 -2.22
C ASN B 223 21.52 -9.69 -2.43
N THR B 224 20.79 -8.97 -1.58
CA THR B 224 20.65 -7.53 -1.75
C THR B 224 21.47 -6.87 -0.68
N ASN B 225 21.49 -5.54 -0.72
CA ASN B 225 22.22 -4.74 0.25
C ASN B 225 21.23 -4.32 1.31
N LYS B 226 19.95 -4.61 1.07
CA LYS B 226 18.87 -4.26 1.99
C LYS B 226 18.83 -5.30 3.08
N THR B 227 18.12 -5.03 4.17
CA THR B 227 18.06 -5.98 5.27
C THR B 227 16.66 -6.35 5.71
N VAL B 228 16.40 -7.64 5.93
CA VAL B 228 15.08 -8.07 6.37
C VAL B 228 15.06 -7.91 7.87
N LYS B 229 14.23 -7.01 8.37
CA LYS B 229 14.17 -6.78 9.81
C LYS B 229 13.34 -7.81 10.58
N LYS B 230 12.11 -8.06 10.15
CA LYS B 230 11.30 -9.05 10.85
C LYS B 230 10.56 -9.99 9.88
N ILE B 231 10.11 -11.13 10.39
CA ILE B 231 9.40 -12.08 9.57
C ILE B 231 8.06 -12.33 10.22
N LYS B 232 7.02 -12.52 9.41
CA LYS B 232 5.68 -12.78 9.93
C LYS B 232 5.06 -13.98 9.27
N ILE B 233 4.94 -15.07 10.02
CA ILE B 233 4.33 -16.31 9.54
C ILE B 233 2.88 -16.30 9.96
N SER B 234 2.00 -16.89 9.14
CA SER B 234 0.59 -16.92 9.48
C SER B 234 -0.22 -17.85 8.63
N VAL B 235 -1.42 -18.14 9.11
CA VAL B 235 -2.34 -19.00 8.41
C VAL B 235 -3.57 -18.15 8.12
N ARG B 236 -3.96 -18.09 6.85
CA ARG B 236 -5.15 -17.35 6.47
C ARG B 236 -6.16 -18.39 5.99
N GLN B 237 -7.42 -18.21 6.39
CA GLN B 237 -8.48 -19.11 5.98
C GLN B 237 -9.16 -18.45 4.82
N TYR B 238 -9.42 -19.21 3.77
CA TYR B 238 -10.07 -18.64 2.61
C TYR B 238 -11.47 -19.19 2.40
N ALA B 239 -12.45 -18.43 2.87
CA ALA B 239 -13.87 -18.79 2.79
C ALA B 239 -14.60 -18.07 1.67
N ASP B 240 -15.27 -18.85 0.83
CA ASP B 240 -16.03 -18.30 -0.30
C ASP B 240 -17.47 -18.79 -0.25
N ILE B 241 -18.41 -17.86 -0.36
CA ILE B 241 -19.83 -18.21 -0.34
C ILE B 241 -20.22 -18.35 -1.80
N CYS B 242 -20.65 -19.54 -2.18
CA CYS B 242 -21.02 -19.80 -3.58
C CYS B 242 -22.50 -19.70 -3.90
N LEU B 243 -23.32 -19.62 -2.86
CA LEU B 243 -24.77 -19.57 -3.03
C LEU B 243 -25.40 -18.29 -2.57
N PHE B 244 -26.61 -18.06 -3.07
CA PHE B 244 -27.40 -16.89 -2.74
C PHE B 244 -26.68 -15.56 -2.90
N ASN B 245 -25.70 -15.32 -2.04
CA ASN B 245 -24.95 -14.09 -2.11
C ASN B 245 -23.45 -14.32 -2.16
N THR B 246 -22.91 -14.36 -3.37
CA THR B 246 -21.50 -14.57 -3.60
C THR B 246 -20.63 -13.53 -2.91
N ALA B 247 -19.54 -14.00 -2.32
CA ALA B 247 -18.60 -13.13 -1.61
C ALA B 247 -17.42 -13.99 -1.15
N GLN B 248 -16.30 -13.36 -0.83
CA GLN B 248 -15.12 -14.09 -0.38
C GLN B 248 -14.56 -13.50 0.91
N TYR B 249 -14.36 -14.34 1.93
CA TYR B 249 -13.82 -13.87 3.20
C TYR B 249 -12.38 -14.33 3.37
N LYS B 250 -11.52 -13.38 3.76
CA LYS B 250 -10.11 -13.67 3.99
C LYS B 250 -9.87 -13.32 5.44
N CYS B 251 -9.29 -14.24 6.19
CA CYS B 251 -9.10 -14.07 7.62
C CYS B 251 -7.88 -14.84 8.11
N PRO B 252 -7.07 -14.20 8.94
CA PRO B 252 -6.00 -14.90 9.67
C PRO B 252 -6.54 -15.69 10.85
N VAL B 253 -6.30 -16.99 10.86
CA VAL B 253 -6.76 -17.84 11.93
C VAL B 253 -5.69 -17.96 12.99
N ALA B 254 -4.43 -17.98 12.57
CA ALA B 254 -3.30 -18.09 13.49
C ALA B 254 -2.01 -17.53 12.87
N MET B 255 -1.40 -16.55 13.54
CA MET B 255 -0.17 -15.93 13.04
C MET B 255 0.95 -15.98 14.07
N GLU B 256 2.14 -15.55 13.65
CA GLU B 256 3.31 -15.52 14.53
C GLU B 256 4.35 -14.57 13.97
N GLU B 257 4.64 -13.49 14.70
CA GLU B 257 5.66 -12.56 14.25
C GLU B 257 6.95 -13.02 14.90
N ALA B 258 8.05 -12.35 14.59
CA ALA B 258 9.34 -12.70 15.15
C ALA B 258 10.34 -11.77 14.50
N ASP B 259 11.29 -11.27 15.28
CA ASP B 259 12.26 -10.34 14.74
C ASP B 259 13.50 -10.98 14.17
N ASP B 260 13.33 -12.15 13.57
CA ASP B 260 14.47 -12.83 12.97
C ASP B 260 14.93 -12.04 11.74
N THR B 261 16.15 -11.50 11.83
CA THR B 261 16.74 -10.69 10.76
C THR B 261 17.50 -11.50 9.74
N VAL B 262 17.67 -10.94 8.54
CA VAL B 262 18.41 -11.59 7.46
C VAL B 262 19.41 -10.55 6.99
N ALA B 263 20.66 -10.68 7.42
CA ALA B 263 21.66 -9.70 7.02
C ALA B 263 21.87 -9.66 5.51
N PRO B 264 22.38 -8.54 5.00
CA PRO B 264 22.61 -8.43 3.57
C PRO B 264 23.63 -9.46 3.13
N SER B 265 23.46 -9.99 1.92
CA SER B 265 24.35 -11.02 1.39
C SER B 265 24.51 -12.20 2.34
N SER B 266 23.45 -12.51 3.06
CA SER B 266 23.49 -13.62 3.99
C SER B 266 22.43 -14.59 3.52
N THR B 267 22.38 -15.75 4.18
CA THR B 267 21.40 -16.79 3.90
C THR B 267 20.83 -17.13 5.23
N PHE B 268 19.52 -16.93 5.36
CA PHE B 268 18.79 -17.19 6.60
C PHE B 268 18.08 -18.50 6.45
N CYS B 269 17.56 -19.03 7.54
CA CYS B 269 16.88 -20.29 7.46
C CYS B 269 16.41 -20.71 8.84
N LYS B 270 15.13 -20.98 8.96
CA LYS B 270 14.59 -21.36 10.24
C LYS B 270 13.26 -22.03 10.05
N VAL B 271 12.83 -22.79 11.05
CA VAL B 271 11.56 -23.47 10.95
C VAL B 271 10.62 -23.01 12.03
N TYR B 272 9.54 -22.36 11.62
CA TYR B 272 8.55 -21.84 12.55
C TYR B 272 7.37 -22.79 12.67
N THR B 273 6.74 -22.75 13.84
CA THR B 273 5.61 -23.59 14.10
C THR B 273 4.40 -22.78 14.48
N LEU B 274 3.29 -23.13 13.84
CA LEU B 274 2.00 -22.49 14.02
C LEU B 274 0.95 -23.55 14.20
N THR B 275 0.00 -23.27 15.09
CA THR B 275 -1.13 -24.17 15.32
C THR B 275 -2.39 -23.31 15.17
N PRO B 276 -3.14 -23.53 14.08
CA PRO B 276 -4.38 -22.82 13.75
C PRO B 276 -5.44 -23.19 14.75
N PHE B 277 -6.00 -22.19 15.42
CA PHE B 277 -7.04 -22.48 16.39
C PHE B 277 -8.23 -21.54 16.39
N LEU B 278 -9.41 -22.15 16.50
CA LEU B 278 -10.66 -21.41 16.55
C LEU B 278 -10.65 -20.69 17.88
N ALA B 279 -10.05 -21.38 18.84
CA ALA B 279 -9.90 -20.89 20.21
C ALA B 279 -9.43 -19.44 20.28
N ASN B 280 -8.47 -19.08 19.41
CA ASN B 280 -7.90 -17.74 19.39
C ASN B 280 -8.77 -16.68 18.68
N ASN B 281 -9.93 -17.07 18.19
CA ASN B 281 -10.78 -16.11 17.47
C ASN B 281 -12.25 -16.16 17.92
N LYS B 284 -11.48 -9.96 10.00
CA LYS B 284 -12.80 -9.59 10.50
C LYS B 284 -13.26 -10.37 11.72
N ARG B 285 -14.56 -10.68 11.78
CA ARG B 285 -15.14 -11.45 12.89
C ARG B 285 -15.91 -12.65 12.36
N GLY B 286 -16.08 -12.64 11.03
CA GLY B 286 -16.78 -13.69 10.31
C GLY B 286 -15.79 -14.70 9.75
N LEU B 287 -15.74 -15.86 10.40
CA LEU B 287 -14.84 -16.93 10.03
C LEU B 287 -15.66 -18.15 9.72
N ALA B 288 -15.03 -19.14 9.10
CA ALA B 288 -15.75 -20.36 8.78
C ALA B 288 -15.47 -21.46 9.79
N LEU B 289 -16.51 -21.88 10.50
CA LEU B 289 -16.39 -22.94 11.50
C LEU B 289 -17.11 -24.15 10.91
N ASP B 290 -17.15 -25.24 11.66
CA ASP B 290 -17.87 -26.40 11.16
C ASP B 290 -19.05 -26.69 12.09
N GLY B 291 -19.34 -25.72 12.96
CA GLY B 291 -20.44 -25.81 13.89
C GLY B 291 -20.79 -24.41 14.34
N LYS B 292 -21.62 -24.25 15.37
CA LYS B 292 -21.96 -22.92 15.85
C LYS B 292 -20.90 -22.48 16.85
N LEU B 293 -20.78 -21.17 17.10
CA LEU B 293 -19.79 -20.71 18.05
C LEU B 293 -20.11 -21.29 19.42
N LYS B 294 -21.39 -21.58 19.64
CA LYS B 294 -21.87 -22.16 20.89
C LYS B 294 -21.06 -23.41 21.21
N HIS B 295 -21.52 -24.54 20.66
CA HIS B 295 -20.89 -25.83 20.86
C HIS B 295 -19.36 -25.76 20.85
N GLU B 296 -18.79 -25.77 22.04
CA GLU B 296 -17.36 -25.69 22.22
C GLU B 296 -16.74 -27.00 21.72
N ASP B 297 -17.19 -27.40 20.54
CA ASP B 297 -16.73 -28.61 19.86
C ASP B 297 -16.48 -28.14 18.45
N THR B 298 -17.16 -27.06 18.11
CA THR B 298 -17.05 -26.45 16.80
C THR B 298 -15.61 -25.97 16.66
N ASN B 299 -15.03 -26.19 15.50
CA ASN B 299 -13.66 -25.77 15.24
C ASN B 299 -13.55 -25.14 13.85
N LEU B 300 -12.35 -24.74 13.44
CA LEU B 300 -12.19 -24.13 12.13
C LEU B 300 -12.69 -25.05 11.03
N ALA B 301 -13.53 -24.53 10.16
CA ALA B 301 -14.08 -25.29 9.07
C ALA B 301 -13.05 -26.15 8.36
N SER B 302 -13.44 -27.38 8.08
CA SER B 302 -12.58 -28.34 7.40
C SER B 302 -12.19 -27.78 6.05
N SER B 303 -10.97 -28.08 5.63
CA SER B 303 -10.49 -27.62 4.34
C SER B 303 -11.44 -28.25 3.31
N THR B 304 -12.42 -27.48 2.85
CA THR B 304 -13.40 -27.96 1.88
C THR B 304 -12.74 -28.62 0.68
N LEU B 305 -12.88 -29.94 0.60
CA LEU B 305 -12.31 -30.73 -0.48
C LEU B 305 -13.20 -30.68 -1.71
N LEU B 306 -12.70 -31.20 -2.84
CA LEU B 306 -13.49 -31.24 -4.06
C LEU B 306 -12.80 -31.95 -5.23
N ARG B 307 -13.57 -32.75 -5.98
CA ARG B 307 -13.06 -33.48 -7.14
C ARG B 307 -12.98 -32.53 -8.33
N GLU B 308 -12.50 -33.03 -9.46
CA GLU B 308 -12.39 -32.23 -10.67
C GLU B 308 -13.69 -32.15 -11.45
N GLY B 309 -13.98 -30.97 -12.00
CA GLY B 309 -15.19 -30.79 -12.75
C GLY B 309 -16.46 -30.85 -11.91
N ALA B 310 -16.32 -31.01 -10.59
CA ALA B 310 -17.47 -31.07 -9.70
C ALA B 310 -18.06 -29.66 -9.58
N ASN B 311 -19.37 -29.57 -9.39
CA ASN B 311 -20.00 -28.27 -9.29
C ASN B 311 -19.72 -27.64 -7.92
N ARG B 312 -19.32 -26.38 -7.93
CA ARG B 312 -19.03 -25.69 -6.68
C ARG B 312 -20.30 -25.17 -6.01
N GLU B 313 -21.06 -24.35 -6.73
CA GLU B 313 -22.28 -23.79 -6.18
C GLU B 313 -23.02 -24.82 -5.32
N ILE B 314 -23.16 -26.03 -5.84
CA ILE B 314 -23.83 -27.11 -5.13
C ILE B 314 -23.22 -27.35 -3.75
N LEU B 315 -22.11 -26.65 -3.47
CA LEU B 315 -21.37 -26.80 -2.23
C LEU B 315 -21.56 -25.78 -1.11
N GLY B 316 -22.33 -24.73 -1.36
CA GLY B 316 -22.58 -23.74 -0.32
C GLY B 316 -21.34 -22.90 -0.01
N ILE B 317 -20.51 -23.37 0.92
CA ILE B 317 -19.29 -22.64 1.24
C ILE B 317 -18.03 -23.43 0.93
N ILE B 318 -17.11 -22.77 0.26
CA ILE B 318 -15.84 -23.38 -0.12
C ILE B 318 -14.72 -22.81 0.75
N VAL B 319 -14.13 -23.65 1.59
CA VAL B 319 -13.05 -23.19 2.45
C VAL B 319 -11.73 -23.83 2.04
N SER B 320 -10.64 -23.13 2.33
CA SER B 320 -9.32 -23.62 1.99
C SER B 320 -8.35 -22.88 2.86
N TYR B 321 -7.14 -23.41 2.99
CA TYR B 321 -6.15 -22.74 3.82
C TYR B 321 -4.80 -22.55 3.18
N LYS B 322 -4.13 -21.47 3.59
CA LYS B 322 -2.79 -21.17 3.12
C LYS B 322 -2.00 -20.63 4.30
N VAL B 323 -0.68 -20.73 4.18
CA VAL B 323 0.26 -20.25 5.18
C VAL B 323 1.10 -19.16 4.55
N LYS B 324 0.99 -17.94 5.08
CA LYS B 324 1.74 -16.82 4.54
C LYS B 324 3.01 -16.56 5.34
N VAL B 325 4.11 -16.37 4.59
CA VAL B 325 5.43 -16.10 5.14
C VAL B 325 5.86 -14.75 4.61
N LYS B 326 5.84 -13.72 5.44
CA LYS B 326 6.20 -12.37 4.99
C LYS B 326 7.40 -11.74 5.67
N LEU B 327 8.31 -11.24 4.84
CA LEU B 327 9.54 -10.60 5.30
C LEU B 327 9.45 -9.08 5.22
N VAL B 328 9.59 -8.39 6.35
CA VAL B 328 9.52 -6.94 6.29
C VAL B 328 10.93 -6.44 5.97
N VAL B 329 11.19 -6.16 4.71
CA VAL B 329 12.50 -5.66 4.35
C VAL B 329 12.46 -4.17 4.51
N SER B 330 13.43 -3.63 5.22
CA SER B 330 13.52 -2.20 5.48
C SER B 330 14.14 -1.48 4.28
N ARG B 331 13.69 -0.25 4.03
CA ARG B 331 14.20 0.53 2.91
C ARG B 331 15.01 1.73 3.38
N GLY B 332 14.88 2.06 4.67
CA GLY B 332 15.61 3.16 5.27
C GLY B 332 15.33 4.56 4.77
N GLY B 333 16.27 5.49 5.02
CA GLY B 333 16.10 6.86 4.56
C GLY B 333 15.34 7.73 5.54
N LEU B 334 16.08 8.42 6.40
CA LEU B 334 15.50 9.29 7.43
C LEU B 334 14.63 8.36 8.28
N LEU B 335 13.41 8.11 7.81
CA LEU B 335 12.49 7.25 8.51
C LEU B 335 13.13 5.92 8.90
N GLY B 336 14.22 5.56 8.21
CA GLY B 336 14.91 4.31 8.51
C GLY B 336 14.06 3.05 8.55
N ASP B 337 14.05 2.37 9.69
CA ASP B 337 13.30 1.13 9.83
C ASP B 337 11.78 1.23 9.80
N LEU B 338 11.25 2.45 9.71
CA LEU B 338 9.80 2.64 9.66
C LEU B 338 9.39 2.81 8.21
N ALA B 339 10.38 2.68 7.34
CA ALA B 339 10.21 2.80 5.89
C ALA B 339 10.56 1.42 5.35
N SER B 340 9.54 0.61 5.09
CA SER B 340 9.79 -0.75 4.59
C SER B 340 8.79 -1.21 3.56
N SER B 341 9.16 -2.29 2.87
CA SER B 341 8.32 -2.93 1.86
C SER B 341 8.49 -4.38 2.23
N ASP B 342 7.50 -5.22 1.97
CA ASP B 342 7.63 -6.63 2.33
C ASP B 342 7.61 -7.59 1.18
N VAL B 343 8.12 -8.77 1.43
CA VAL B 343 8.18 -9.81 0.44
C VAL B 343 7.56 -11.02 1.07
N ALA B 344 6.68 -11.70 0.36
CA ALA B 344 6.06 -12.88 0.96
C ALA B 344 5.74 -13.95 -0.06
N VAL B 345 5.39 -15.12 0.46
CA VAL B 345 5.02 -16.24 -0.37
C VAL B 345 3.98 -17.02 0.42
N GLU B 346 2.91 -17.48 -0.25
CA GLU B 346 1.88 -18.23 0.44
C GLU B 346 1.99 -19.72 0.15
N LEU B 347 1.78 -20.52 1.20
CA LEU B 347 1.86 -21.97 1.10
C LEU B 347 0.49 -22.56 1.35
N PRO B 348 0.02 -23.43 0.45
CA PRO B 348 -1.30 -24.04 0.61
C PRO B 348 -1.22 -25.34 1.40
N PHE B 349 -2.35 -25.79 1.94
CA PHE B 349 -2.41 -27.05 2.66
C PHE B 349 -3.85 -27.51 2.90
N THR B 350 -4.02 -28.55 3.72
CA THR B 350 -5.36 -29.08 3.99
C THR B 350 -5.65 -29.34 5.46
N LEU B 351 -6.69 -28.71 5.99
CA LEU B 351 -7.06 -28.88 7.39
C LEU B 351 -8.30 -29.78 7.49
N MET B 352 -8.12 -31.02 7.98
CA MET B 352 -9.22 -31.98 8.11
C MET B 352 -9.61 -32.18 9.58
N HIS B 353 -10.58 -33.06 9.80
CA HIS B 353 -10.94 -33.47 11.16
C HIS B 353 -10.14 -34.68 11.61
N PRO B 354 -9.83 -34.73 12.90
CA PRO B 354 -8.85 -35.69 13.41
C PRO B 354 -9.31 -37.13 13.24
N LYS B 355 -8.75 -38.04 14.03
CA LYS B 355 -8.94 -39.47 13.80
C LYS B 355 -10.32 -40.06 14.02
N PRO B 356 -10.99 -39.65 15.10
CA PRO B 356 -12.32 -40.17 15.39
C PRO B 356 -12.29 -41.66 15.64
N PHE B 388 -28.43 -43.60 28.14
CA PHE B 388 -27.77 -42.90 27.06
C PHE B 388 -27.15 -41.59 27.52
N GLU B 389 -27.09 -40.60 26.62
CA GLU B 389 -26.51 -39.30 26.93
C GLU B 389 -27.27 -38.13 26.29
N ASP B 390 -27.17 -36.95 26.94
CA ASP B 390 -27.79 -35.72 26.45
C ASP B 390 -27.34 -35.38 25.04
N PHE B 391 -28.12 -34.68 24.24
CA PHE B 391 -27.73 -34.36 22.86
C PHE B 391 -27.30 -32.93 22.58
N ALA B 392 -27.72 -31.96 23.40
CA ALA B 392 -27.31 -30.58 23.19
C ALA B 392 -25.82 -30.45 23.48
N ARG B 393 -25.00 -30.32 22.43
CA ARG B 393 -23.55 -30.22 22.51
C ARG B 393 -23.12 -29.22 23.57
N GLN C 3 4.42 47.22 1.65
CA GLN C 3 3.50 46.49 0.72
C GLN C 3 2.50 45.64 1.50
N ILE C 4 1.95 44.61 0.85
CA ILE C 4 0.97 43.73 1.47
C ILE C 4 1.61 42.52 2.16
N LEU C 5 0.94 42.01 3.17
CA LEU C 5 1.44 40.87 3.93
C LEU C 5 0.68 39.58 3.67
N PRO C 6 1.39 38.44 3.70
CA PRO C 6 0.79 37.13 3.47
C PRO C 6 0.01 36.63 4.68
N ILE C 7 0.38 37.13 5.86
CA ILE C 7 -0.27 36.74 7.10
C ILE C 7 -0.84 37.92 7.87
N ARG C 8 -1.40 37.62 9.04
CA ARG C 8 -1.98 38.62 9.93
C ARG C 8 -1.48 38.37 11.33
N PHE C 9 -0.86 39.40 11.90
CA PHE C 9 -0.31 39.33 13.23
C PHE C 9 -1.34 39.92 14.17
N GLN C 10 -1.24 39.60 15.46
CA GLN C 10 -2.16 40.19 16.45
C GLN C 10 -1.78 39.82 17.86
N GLU C 11 -1.58 40.85 18.69
CA GLU C 11 -1.22 40.64 20.10
C GLU C 11 -2.49 40.55 20.91
N HIS C 12 -2.85 39.34 21.31
CA HIS C 12 -4.05 39.10 22.07
C HIS C 12 -4.12 39.66 23.47
N LEU C 13 -2.98 39.74 24.14
CA LEU C 13 -2.95 40.30 25.48
C LEU C 13 -1.55 40.33 26.05
N GLN C 14 -1.38 41.07 27.13
CA GLN C 14 -0.08 41.21 27.77
C GLN C 14 -0.15 40.69 29.20
N LEU C 15 0.20 39.43 29.41
CA LEU C 15 0.13 38.84 30.73
C LEU C 15 0.59 39.76 31.85
N GLN C 16 1.55 40.62 31.56
CA GLN C 16 2.08 41.57 32.53
C GLN C 16 0.95 42.44 33.12
N ASN C 17 -0.06 42.72 32.29
CA ASN C 17 -1.21 43.55 32.66
C ASN C 17 -2.32 42.78 33.37
N LEU C 18 -1.99 41.59 33.86
CA LEU C 18 -2.96 40.79 34.60
C LEU C 18 -2.29 40.63 35.94
N GLY C 19 -1.14 41.28 36.05
CA GLY C 19 -0.39 41.23 37.29
C GLY C 19 0.30 39.90 37.50
N ILE C 20 0.88 39.36 36.44
CA ILE C 20 1.61 38.10 36.55
C ILE C 20 3.07 38.46 36.58
N ASN C 21 3.82 37.87 37.50
CA ASN C 21 5.24 38.14 37.60
C ASN C 21 5.91 37.74 36.30
N PRO C 22 6.60 38.68 35.65
CA PRO C 22 7.27 38.33 34.40
C PRO C 22 8.20 37.12 34.55
N ALA C 23 8.48 36.74 35.80
CA ALA C 23 9.35 35.61 36.08
C ALA C 23 8.56 34.31 36.01
N ASN C 24 7.29 34.38 36.35
CA ASN C 24 6.46 33.19 36.26
C ASN C 24 6.05 32.98 34.80
N ILE C 25 6.46 33.89 33.91
CA ILE C 25 6.14 33.73 32.50
C ILE C 25 7.33 33.02 31.85
N GLY C 26 7.42 31.72 32.07
CA GLY C 26 8.52 30.94 31.51
C GLY C 26 8.01 29.60 31.04
N PHE C 27 8.91 28.71 30.63
CA PHE C 27 8.50 27.40 30.13
C PHE C 27 7.93 26.54 31.23
N SER C 28 8.74 26.33 32.26
CA SER C 28 8.36 25.49 33.39
C SER C 28 7.18 25.97 34.23
N THR C 29 6.76 27.22 34.03
CA THR C 29 5.67 27.77 34.82
C THR C 29 4.34 27.96 34.10
N LEU C 30 4.40 28.57 32.93
CA LEU C 30 3.22 28.85 32.12
C LEU C 30 2.97 27.73 31.09
N THR C 31 1.72 27.30 30.97
CA THR C 31 1.40 26.23 30.04
C THR C 31 0.16 26.56 29.20
N MET C 32 0.31 26.50 27.88
CA MET C 32 -0.81 26.79 26.98
C MET C 32 -1.07 25.53 26.16
N GLU C 33 -1.94 24.66 26.67
CA GLU C 33 -2.25 23.41 26.01
C GLU C 33 -3.29 23.52 24.91
N SER C 34 -3.82 24.72 24.68
CA SER C 34 -4.83 24.91 23.65
C SER C 34 -4.97 26.38 23.54
N ASP C 35 -5.96 26.86 22.80
CA ASP C 35 -6.10 28.29 22.68
C ASP C 35 -7.24 28.80 23.55
N LYS C 36 -7.59 27.98 24.55
CA LYS C 36 -8.67 28.31 25.48
C LYS C 36 -8.14 28.94 26.76
N PHE C 37 -7.15 28.33 27.41
CA PHE C 37 -6.58 28.87 28.64
C PHE C 37 -5.07 28.79 28.74
N ILE C 38 -4.53 29.69 29.57
CA ILE C 38 -3.11 29.76 29.82
C ILE C 38 -3.01 29.46 31.32
N CYS C 39 -1.91 28.86 31.76
CA CYS C 39 -1.75 28.54 33.18
C CYS C 39 -0.41 28.89 33.74
N ILE C 40 -0.41 29.82 34.67
CA ILE C 40 0.84 30.23 35.30
C ILE C 40 0.85 29.81 36.77
N ARG C 41 1.82 28.98 37.14
CA ARG C 41 1.93 28.57 38.53
C ARG C 41 2.75 29.70 39.11
N GLU C 42 2.49 30.08 40.37
CA GLU C 42 3.23 31.15 41.00
C GLU C 42 3.09 31.20 42.51
N LYS C 43 4.10 31.77 43.16
CA LYS C 43 4.12 31.89 44.61
C LYS C 43 3.95 33.37 45.01
N VAL C 44 2.84 33.67 45.70
CA VAL C 44 2.54 35.02 46.16
C VAL C 44 3.33 35.31 47.44
N GLY C 45 4.56 35.80 47.27
CA GLY C 45 5.42 36.06 48.42
C GLY C 45 5.76 34.72 49.05
N GLU C 46 4.71 33.96 49.36
CA GLU C 46 4.79 32.63 49.92
C GLU C 46 3.38 32.08 49.89
N GLN C 47 3.16 31.08 49.03
CA GLN C 47 1.88 30.41 48.83
C GLN C 47 1.74 29.97 47.37
N ALA C 48 1.86 28.68 47.14
CA ALA C 48 1.76 28.12 45.80
C ALA C 48 0.32 28.25 45.30
N GLN C 49 0.14 28.99 44.22
CA GLN C 49 -1.17 29.19 43.63
C GLN C 49 -1.07 29.24 42.11
N VAL C 50 -2.16 28.91 41.43
CA VAL C 50 -2.16 28.89 39.98
C VAL C 50 -3.23 29.74 39.33
N VAL C 51 -2.82 30.55 38.37
CA VAL C 51 -3.75 31.40 37.66
C VAL C 51 -4.27 30.64 36.42
N ILE C 52 -5.58 30.44 36.35
CA ILE C 52 -6.20 29.74 35.25
C ILE C 52 -6.88 30.77 34.35
N ILE C 53 -6.13 31.38 33.44
CA ILE C 53 -6.68 32.39 32.55
C ILE C 53 -7.55 31.88 31.40
N ASP C 54 -8.84 32.18 31.41
CA ASP C 54 -9.68 31.74 30.31
C ASP C 54 -9.68 32.83 29.24
N MET C 55 -9.22 32.52 28.03
CA MET C 55 -9.14 33.50 26.94
C MET C 55 -10.49 34.10 26.56
N ASN C 56 -11.57 33.44 26.94
CA ASN C 56 -12.90 33.94 26.65
C ASN C 56 -13.23 35.12 27.55
N ASP C 57 -12.30 35.42 28.46
CA ASP C 57 -12.47 36.55 29.37
C ASP C 57 -11.23 36.75 30.24
N PRO C 58 -10.15 37.18 29.61
CA PRO C 58 -8.80 36.98 30.17
C PRO C 58 -8.48 38.01 31.25
N SER C 59 -9.20 39.13 31.26
CA SER C 59 -9.01 40.16 32.26
C SER C 59 -9.39 39.69 33.66
N ASN C 60 -10.32 38.75 33.73
CA ASN C 60 -10.77 38.22 35.01
C ASN C 60 -10.36 36.77 35.13
N PRO C 61 -9.12 36.52 35.58
CA PRO C 61 -8.63 35.15 35.73
C PRO C 61 -9.23 34.51 36.96
N ILE C 62 -8.57 33.50 37.48
CA ILE C 62 -9.06 32.82 38.66
C ILE C 62 -7.90 32.10 39.32
N ARG C 63 -7.39 32.67 40.40
CA ARG C 63 -6.28 32.06 41.12
C ARG C 63 -6.78 31.07 42.18
N ARG C 64 -6.04 29.98 42.36
CA ARG C 64 -6.36 28.95 43.36
C ARG C 64 -5.06 28.51 44.01
N PRO C 65 -5.14 27.65 45.05
CA PRO C 65 -3.97 27.15 45.77
C PRO C 65 -3.50 25.83 45.18
N ILE C 66 -2.19 25.68 45.02
CA ILE C 66 -1.68 24.43 44.47
C ILE C 66 -0.46 23.86 45.18
N SER C 67 -0.20 22.59 44.92
CA SER C 67 0.94 21.89 45.51
C SER C 67 1.77 21.30 44.37
N ALA C 68 1.14 21.15 43.22
CA ALA C 68 1.75 20.57 42.02
C ALA C 68 2.96 21.32 41.44
N ASP C 69 3.74 20.61 40.62
CA ASP C 69 4.94 21.14 39.98
C ASP C 69 4.62 21.45 38.51
N SER C 70 3.36 21.25 38.15
CA SER C 70 2.90 21.51 36.79
C SER C 70 1.40 21.36 36.65
N ALA C 71 0.81 22.28 35.90
CA ALA C 71 -0.61 22.26 35.65
C ALA C 71 -0.81 22.39 34.16
N ILE C 72 -1.74 21.61 33.64
CA ILE C 72 -2.02 21.61 32.22
C ILE C 72 -3.51 21.43 31.98
N MET C 73 -4.17 22.51 31.57
CA MET C 73 -5.60 22.45 31.29
C MET C 73 -5.89 21.52 30.13
N ASN C 74 -7.02 20.84 30.17
CA ASN C 74 -7.41 20.00 29.06
C ASN C 74 -7.57 20.98 27.88
N PRO C 75 -7.39 20.51 26.65
CA PRO C 75 -7.53 21.31 25.42
C PRO C 75 -8.86 22.02 25.21
N ALA C 76 -9.96 21.29 25.39
CA ALA C 76 -11.30 21.87 25.21
C ALA C 76 -12.07 21.87 26.52
N SER C 77 -12.29 20.67 27.07
CA SER C 77 -13.00 20.51 28.33
C SER C 77 -12.47 21.50 29.36
N LYS C 78 -13.28 21.84 30.36
CA LYS C 78 -12.87 22.79 31.40
C LYS C 78 -12.13 22.06 32.53
N VAL C 79 -11.63 20.86 32.23
CA VAL C 79 -10.91 20.03 33.19
C VAL C 79 -9.47 20.48 33.39
N ILE C 80 -8.80 19.94 34.39
CA ILE C 80 -7.42 20.27 34.65
C ILE C 80 -6.75 19.10 35.34
N ALA C 81 -5.45 18.96 35.11
CA ALA C 81 -4.67 17.88 35.69
C ALA C 81 -3.40 18.49 36.23
N LEU C 82 -3.02 18.04 37.42
CA LEU C 82 -1.82 18.52 38.07
C LEU C 82 -1.06 17.34 38.60
N LYS C 83 0.26 17.46 38.63
CA LYS C 83 1.07 16.38 39.12
C LYS C 83 2.05 16.95 40.11
N ALA C 84 2.58 16.05 40.94
CA ALA C 84 3.57 16.38 41.94
C ALA C 84 4.35 15.09 42.06
N GLY C 85 5.62 15.13 41.70
CA GLY C 85 6.45 13.95 41.78
C GLY C 85 5.99 12.81 40.89
N LYS C 86 5.16 11.92 41.44
CA LYS C 86 4.64 10.77 40.70
C LYS C 86 3.13 10.82 40.77
N THR C 87 2.64 11.48 41.81
CA THR C 87 1.21 11.64 42.04
C THR C 87 0.65 12.69 41.09
N LEU C 88 -0.45 12.34 40.46
CA LEU C 88 -1.07 13.22 39.50
C LEU C 88 -2.56 13.02 39.48
N GLN C 89 -3.31 14.12 39.36
CA GLN C 89 -4.75 14.04 39.38
C GLN C 89 -5.40 14.85 38.29
N ILE C 90 -6.63 14.50 38.00
CA ILE C 90 -7.43 15.18 36.99
C ILE C 90 -8.72 15.53 37.73
N PHE C 91 -9.00 16.81 37.88
CA PHE C 91 -10.20 17.25 38.58
C PHE C 91 -11.33 17.66 37.65
N ASN C 92 -11.92 18.80 37.95
CA ASN C 92 -13.02 19.35 37.16
C ASN C 92 -13.34 20.66 37.82
N ILE C 93 -12.65 21.71 37.43
CA ILE C 93 -12.87 23.02 38.04
C ILE C 93 -14.37 23.37 38.17
N GLU C 94 -15.09 23.17 37.08
CA GLU C 94 -16.51 23.45 36.98
C GLU C 94 -17.39 22.62 37.94
N MET C 95 -16.79 21.63 38.58
CA MET C 95 -17.49 20.74 39.51
C MET C 95 -16.82 20.72 40.88
N LYS C 96 -15.65 21.33 40.98
CA LYS C 96 -14.91 21.34 42.25
C LYS C 96 -14.64 19.89 42.70
N SER C 97 -15.19 18.94 41.93
CA SER C 97 -15.06 17.52 42.22
C SER C 97 -13.98 16.83 41.38
N LYS C 98 -12.98 16.26 42.05
CA LYS C 98 -11.91 15.51 41.36
C LYS C 98 -12.55 14.45 40.46
N MET C 99 -11.78 13.85 39.54
CA MET C 99 -12.35 12.83 38.66
C MET C 99 -11.40 11.69 38.30
N LYS C 100 -10.23 11.65 38.94
CA LYS C 100 -9.27 10.59 38.68
C LYS C 100 -7.93 10.93 39.29
N ALA C 101 -7.17 9.90 39.64
CA ALA C 101 -5.85 10.08 40.22
C ALA C 101 -5.01 8.81 39.99
N HIS C 102 -3.73 8.87 40.31
CA HIS C 102 -2.84 7.75 40.11
C HIS C 102 -1.42 8.13 40.55
N THR C 103 -0.58 7.13 40.81
CA THR C 103 0.80 7.39 41.19
C THR C 103 1.72 6.53 40.33
N MET C 104 2.56 7.21 39.55
CA MET C 104 3.50 6.53 38.67
C MET C 104 4.66 6.06 39.52
N THR C 105 5.34 5.04 39.03
CA THR C 105 6.49 4.49 39.74
C THR C 105 7.72 5.39 39.47
N ASP C 106 7.71 6.04 38.31
CA ASP C 106 8.80 6.95 37.91
C ASP C 106 8.27 8.38 37.81
N ASP C 107 9.16 9.36 37.98
CA ASP C 107 8.78 10.77 37.91
C ASP C 107 8.43 11.16 36.48
N VAL C 108 7.21 11.65 36.28
CA VAL C 108 6.77 12.07 34.95
C VAL C 108 7.47 13.39 34.64
N THR C 109 8.69 13.28 34.10
CA THR C 109 9.54 14.41 33.74
C THR C 109 8.92 15.41 32.75
N PHE C 110 7.77 15.06 32.18
CA PHE C 110 7.11 15.95 31.23
C PHE C 110 5.77 15.35 30.84
N TRP C 111 4.80 16.19 30.51
CA TRP C 111 3.49 15.70 30.11
C TRP C 111 2.69 16.80 29.47
N LYS C 112 1.58 16.44 28.84
CA LYS C 112 0.75 17.42 28.16
C LYS C 112 -0.42 16.68 27.60
N TRP C 113 -1.40 17.40 27.08
CA TRP C 113 -2.56 16.75 26.52
C TRP C 113 -2.31 16.43 25.06
N ILE C 114 -2.79 15.27 24.63
CA ILE C 114 -2.61 14.85 23.26
C ILE C 114 -3.95 14.64 22.58
N SER C 115 -5.03 15.00 23.27
CA SER C 115 -6.37 14.85 22.71
C SER C 115 -7.44 15.47 23.60
N LEU C 116 -8.66 15.45 23.10
CA LEU C 116 -9.81 15.99 23.80
C LEU C 116 -10.01 15.27 25.12
N ASN C 117 -9.10 14.38 25.50
CA ASN C 117 -9.25 13.63 26.74
C ASN C 117 -8.15 12.61 27.03
N THR C 118 -6.91 12.94 26.73
CA THR C 118 -5.83 12.01 27.01
C THR C 118 -4.55 12.75 27.32
N VAL C 119 -3.95 12.41 28.44
CA VAL C 119 -2.73 13.06 28.84
C VAL C 119 -1.54 12.17 28.59
N ALA C 120 -0.58 12.68 27.82
CA ALA C 120 0.65 11.97 27.52
C ALA C 120 1.64 12.22 28.66
N LEU C 121 2.09 11.14 29.26
CA LEU C 121 3.04 11.24 30.36
C LEU C 121 4.33 10.69 29.84
N VAL C 122 5.43 11.30 30.23
CA VAL C 122 6.73 10.83 29.80
C VAL C 122 7.63 10.69 31.02
N THR C 123 7.78 9.44 31.49
CA THR C 123 8.64 9.17 32.63
C THR C 123 10.08 9.41 32.22
N ASP C 124 11.01 9.15 33.11
CA ASP C 124 12.39 9.36 32.77
C ASP C 124 12.80 8.37 31.67
N ASN C 125 11.93 7.41 31.35
CA ASN C 125 12.30 6.42 30.35
C ASN C 125 11.17 5.74 29.56
N ALA C 126 9.99 6.35 29.49
CA ALA C 126 8.91 5.72 28.74
C ALA C 126 7.77 6.69 28.46
N VAL C 127 6.87 6.32 27.56
CA VAL C 127 5.73 7.17 27.21
C VAL C 127 4.41 6.44 27.43
N TYR C 128 3.61 6.93 28.37
CA TYR C 128 2.32 6.30 28.66
C TYR C 128 1.17 7.22 28.27
N HIS C 129 0.06 6.62 27.86
CA HIS C 129 -1.12 7.37 27.45
C HIS C 129 -2.29 7.18 28.41
N TRP C 130 -2.32 7.93 29.50
CA TRP C 130 -3.38 7.82 30.48
C TRP C 130 -4.59 8.72 30.12
N SER C 131 -5.79 8.15 30.22
CA SER C 131 -7.01 8.88 29.89
C SER C 131 -7.75 9.35 31.15
N MET C 132 -8.45 10.47 31.05
CA MET C 132 -9.19 11.04 32.18
C MET C 132 -10.53 10.37 32.45
N GLU C 133 -11.11 9.75 31.43
CA GLU C 133 -12.40 9.06 31.60
C GLU C 133 -12.16 7.63 32.05
N GLY C 134 -13.12 7.06 32.78
CA GLY C 134 -12.95 5.71 33.27
C GLY C 134 -11.97 5.69 34.42
N GLU C 135 -11.54 4.49 34.84
CA GLU C 135 -10.59 4.34 35.95
C GLU C 135 -9.26 3.81 35.42
N SER C 136 -9.21 3.56 34.11
CA SER C 136 -8.00 3.05 33.49
C SER C 136 -6.81 3.83 34.03
N GLN C 137 -5.63 3.27 33.86
CA GLN C 137 -4.45 3.96 34.31
C GLN C 137 -3.50 4.10 33.13
N PRO C 138 -2.30 4.64 33.37
CA PRO C 138 -1.29 4.83 32.32
C PRO C 138 -1.02 3.62 31.43
N VAL C 139 -1.31 3.78 30.15
CA VAL C 139 -1.13 2.75 29.14
C VAL C 139 0.21 2.94 28.45
N LYS C 140 1.28 2.39 29.00
CA LYS C 140 2.59 2.55 28.39
C LYS C 140 2.53 2.30 26.88
N MET C 141 3.16 3.17 26.11
CA MET C 141 3.14 3.04 24.66
C MET C 141 4.47 2.56 24.06
N PHE C 142 5.58 2.93 24.69
CA PHE C 142 6.92 2.54 24.23
C PHE C 142 7.98 3.08 25.16
N ASP C 143 9.18 2.51 25.09
CA ASP C 143 10.27 2.94 25.96
C ASP C 143 11.05 4.02 25.25
N ARG C 144 11.69 4.90 26.00
CA ARG C 144 12.48 5.96 25.35
C ARG C 144 13.69 5.32 24.69
N HIS C 145 14.17 5.95 23.64
CA HIS C 145 15.32 5.46 22.89
C HIS C 145 16.58 6.09 23.48
N SER C 146 17.72 5.43 23.25
CA SER C 146 19.00 5.93 23.73
C SER C 146 19.32 7.36 23.29
N SER C 147 18.85 7.72 22.09
CA SER C 147 19.08 9.06 21.53
C SER C 147 18.73 10.07 22.60
N LEU C 148 17.46 10.06 22.98
CA LEU C 148 16.93 10.96 23.99
C LEU C 148 17.31 10.44 25.36
N ALA C 149 18.61 10.46 25.64
CA ALA C 149 19.13 10.04 26.93
C ALA C 149 19.42 11.35 27.64
N GLY C 150 18.49 11.79 28.49
CA GLY C 150 18.66 13.04 29.22
C GLY C 150 18.65 14.27 28.33
N CYS C 151 17.48 14.56 27.77
CA CYS C 151 17.33 15.70 26.89
C CYS C 151 16.09 16.43 27.34
N GLN C 152 16.22 17.70 27.68
CA GLN C 152 15.06 18.47 28.11
C GLN C 152 13.91 18.08 27.18
N ILE C 153 13.04 17.17 27.61
CA ILE C 153 11.92 16.76 26.78
C ILE C 153 11.04 17.98 26.52
N ILE C 154 11.24 18.63 25.39
CA ILE C 154 10.48 19.82 25.05
C ILE C 154 9.18 19.55 24.34
N ASN C 155 8.91 18.30 23.99
CA ASN C 155 7.66 18.04 23.29
C ASN C 155 7.28 16.59 23.03
N TYR C 156 6.00 16.41 22.71
CA TYR C 156 5.46 15.12 22.40
C TYR C 156 4.21 15.35 21.59
N ARG C 157 4.27 14.98 20.32
CA ARG C 157 3.15 15.17 19.41
C ARG C 157 2.57 13.82 19.07
N THR C 158 1.38 13.85 18.48
CA THR C 158 0.70 12.63 18.08
C THR C 158 -0.03 12.87 16.79
N ASP C 159 -0.12 11.81 16.01
CA ASP C 159 -0.79 11.82 14.74
C ASP C 159 -2.28 11.77 15.04
N ALA C 160 -3.10 12.13 14.06
CA ALA C 160 -4.56 12.09 14.24
C ALA C 160 -4.97 10.74 14.81
N LYS C 161 -4.98 9.70 13.98
CA LYS C 161 -5.37 8.35 14.41
C LYS C 161 -4.51 7.84 15.57
N GLN C 162 -3.66 8.71 16.11
CA GLN C 162 -2.77 8.38 17.22
C GLN C 162 -1.99 7.09 17.09
N LYS C 163 -1.74 6.67 15.86
CA LYS C 163 -1.01 5.44 15.59
C LYS C 163 0.48 5.68 15.34
N TRP C 164 0.89 6.95 15.40
CA TRP C 164 2.29 7.36 15.24
C TRP C 164 2.61 8.40 16.30
N LEU C 165 3.69 8.16 17.05
CA LEU C 165 4.09 9.05 18.12
C LEU C 165 5.49 9.64 17.94
N LEU C 166 5.62 10.93 18.26
CA LEU C 166 6.90 11.62 18.15
C LEU C 166 7.26 12.32 19.46
N LEU C 167 8.42 12.00 20.00
CA LEU C 167 8.90 12.59 21.24
C LEU C 167 10.12 13.46 20.94
N THR C 168 10.11 14.70 21.41
CA THR C 168 11.24 15.62 21.17
C THR C 168 12.00 16.01 22.42
N GLY C 169 13.31 16.16 22.29
CA GLY C 169 14.13 16.55 23.41
C GLY C 169 15.26 17.40 22.90
N ILE C 170 16.07 17.95 23.78
CA ILE C 170 17.19 18.78 23.34
C ILE C 170 18.40 18.59 24.25
N SER C 171 19.52 19.18 23.83
CA SER C 171 20.75 19.09 24.58
C SER C 171 21.70 20.15 24.03
N ALA C 172 22.44 20.79 24.94
CA ALA C 172 23.40 21.80 24.55
C ALA C 172 24.71 21.08 24.35
N GLN C 173 25.51 21.52 23.40
CA GLN C 173 26.79 20.85 23.13
C GLN C 173 27.54 21.47 21.95
N GLN C 174 28.64 22.15 22.25
CA GLN C 174 29.44 22.77 21.22
C GLN C 174 28.76 24.02 20.68
N ASN C 175 28.13 24.79 21.58
CA ASN C 175 27.44 26.02 21.18
C ASN C 175 26.10 25.77 20.46
N ARG C 176 25.94 24.60 19.87
CA ARG C 176 24.70 24.28 19.16
C ARG C 176 23.69 23.65 20.11
N VAL C 177 22.41 23.91 19.88
CA VAL C 177 21.39 23.28 20.70
C VAL C 177 20.89 22.18 19.82
N VAL C 178 21.29 20.95 20.11
CA VAL C 178 20.89 19.81 19.28
C VAL C 178 19.58 19.12 19.63
N GLY C 179 18.69 19.11 18.63
CA GLY C 179 17.41 18.48 18.82
C GLY C 179 17.45 17.04 18.39
N ALA C 180 17.06 16.15 19.30
CA ALA C 180 17.03 14.72 19.03
C ALA C 180 15.59 14.24 19.22
N MET C 181 15.05 13.54 18.23
CA MET C 181 13.68 13.04 18.28
C MET C 181 13.63 11.52 18.21
N GLN C 182 12.48 10.97 18.61
CA GLN C 182 12.21 9.53 18.55
C GLN C 182 10.81 9.35 17.98
N LEU C 183 10.72 8.70 16.83
CA LEU C 183 9.44 8.46 16.17
C LEU C 183 9.09 6.98 16.24
N TYR C 184 8.02 6.65 16.96
CA TYR C 184 7.59 5.26 17.12
C TYR C 184 6.27 5.03 16.41
N SER C 185 6.03 3.79 15.97
CA SER C 185 4.78 3.43 15.31
C SER C 185 4.14 2.34 16.16
N VAL C 186 2.91 2.59 16.61
CA VAL C 186 2.21 1.62 17.44
C VAL C 186 1.84 0.38 16.63
N ASP C 187 1.66 0.56 15.33
CA ASP C 187 1.30 -0.55 14.45
C ASP C 187 2.54 -1.33 14.00
N ARG C 188 3.71 -1.01 14.55
CA ARG C 188 4.92 -1.70 14.14
C ARG C 188 5.84 -1.95 15.32
N LYS C 189 5.48 -1.43 16.48
CA LYS C 189 6.29 -1.61 17.68
C LYS C 189 7.75 -1.40 17.30
N VAL C 190 8.00 -0.35 16.52
CA VAL C 190 9.34 -0.02 16.04
C VAL C 190 9.64 1.46 16.18
N SER C 191 10.79 1.79 16.78
CA SER C 191 11.20 3.18 16.95
C SER C 191 12.11 3.64 15.82
N GLN C 192 12.55 4.89 15.90
CA GLN C 192 13.44 5.46 14.89
C GLN C 192 13.93 6.87 15.27
N PRO C 193 15.23 6.99 15.60
CA PRO C 193 15.83 8.27 15.99
C PRO C 193 15.86 9.18 14.80
N ILE C 194 15.67 10.47 15.05
CA ILE C 194 15.68 11.45 13.97
C ILE C 194 16.17 12.76 14.56
N GLU C 195 17.19 13.36 13.95
CA GLU C 195 17.68 14.63 14.44
C GLU C 195 16.76 15.72 13.93
N GLY C 196 16.06 16.38 14.85
CA GLY C 196 15.14 17.44 14.51
C GLY C 196 14.87 18.33 15.71
N HIS C 197 14.26 19.49 15.46
CA HIS C 197 13.99 20.44 16.52
C HIS C 197 12.50 20.56 16.81
N ALA C 198 11.72 20.82 15.77
CA ALA C 198 10.29 20.91 15.95
C ALA C 198 9.66 20.11 14.82
N ALA C 199 8.44 19.66 15.03
CA ALA C 199 7.77 18.83 14.06
C ALA C 199 6.29 18.77 14.41
N SER C 200 5.50 18.22 13.51
CA SER C 200 4.07 18.10 13.77
C SER C 200 3.54 17.24 12.67
N PHE C 201 2.59 16.37 12.98
CA PHE C 201 2.03 15.56 11.93
C PHE C 201 0.95 16.43 11.30
N ALA C 202 0.33 15.93 10.24
CA ALA C 202 -0.71 16.68 9.58
C ALA C 202 -1.36 15.75 8.58
N GLN C 203 -2.68 15.83 8.44
CA GLN C 203 -3.39 14.98 7.50
C GLN C 203 -3.56 15.78 6.21
N PHE C 204 -3.19 15.18 5.08
CA PHE C 204 -3.27 15.87 3.80
C PHE C 204 -3.80 15.00 2.69
N LYS C 205 -4.84 15.44 2.01
CA LYS C 205 -5.37 14.65 0.91
C LYS C 205 -4.84 15.20 -0.40
N MET C 206 -3.99 14.42 -1.07
CA MET C 206 -3.39 14.82 -2.36
C MET C 206 -4.46 14.90 -3.44
N GLU C 207 -4.09 15.38 -4.62
CA GLU C 207 -5.04 15.46 -5.71
C GLU C 207 -5.35 14.04 -6.19
N GLY C 208 -6.59 13.83 -6.61
CA GLY C 208 -6.99 12.52 -7.11
C GLY C 208 -7.06 11.44 -6.05
N ASN C 209 -6.12 11.46 -5.12
CA ASN C 209 -6.08 10.47 -4.05
C ASN C 209 -7.44 10.21 -3.40
N ALA C 210 -7.64 8.96 -3.00
CA ALA C 210 -8.88 8.50 -2.36
C ALA C 210 -8.99 8.90 -0.90
N GLU C 211 -7.89 8.72 -0.17
CA GLU C 211 -7.82 9.06 1.26
C GLU C 211 -6.75 10.10 1.60
N GLU C 212 -6.91 10.73 2.77
CA GLU C 212 -5.94 11.72 3.20
C GLU C 212 -4.68 10.99 3.67
N SER C 213 -3.56 11.43 3.13
CA SER C 213 -2.25 10.85 3.44
C SER C 213 -1.73 11.40 4.78
N THR C 214 -1.15 10.52 5.59
CA THR C 214 -0.62 10.92 6.88
C THR C 214 0.81 11.45 6.80
N LEU C 215 0.96 12.76 6.93
CA LEU C 215 2.28 13.36 6.85
C LEU C 215 2.94 13.62 8.19
N PHE C 216 4.26 13.51 8.17
CA PHE C 216 5.07 13.75 9.33
C PHE C 216 5.98 14.87 8.88
N CYS C 217 5.75 16.05 9.41
CA CYS C 217 6.59 17.15 9.00
C CYS C 217 7.53 17.45 10.13
N PHE C 218 8.64 18.09 9.82
CA PHE C 218 9.61 18.44 10.85
C PHE C 218 10.81 19.18 10.25
N ALA C 219 11.39 20.09 11.02
CA ALA C 219 12.54 20.86 10.56
C ALA C 219 13.64 20.77 11.59
N VAL C 220 14.82 21.22 11.21
CA VAL C 220 15.98 21.20 12.09
C VAL C 220 17.12 21.99 11.52
N ARG C 221 18.01 22.42 12.41
CA ARG C 221 19.20 23.15 12.03
C ARG C 221 20.32 22.36 12.67
N GLY C 222 20.94 21.54 11.85
CA GLY C 222 22.04 20.70 12.28
C GLY C 222 23.21 20.89 11.34
N GLN C 223 24.29 20.17 11.61
CA GLN C 223 25.52 20.25 10.83
C GLN C 223 25.36 20.89 9.46
N ALA C 224 24.63 20.25 8.56
CA ALA C 224 24.44 20.81 7.22
C ALA C 224 23.32 21.85 7.15
N GLY C 225 23.58 23.04 7.69
CA GLY C 225 22.59 24.10 7.68
C GLY C 225 21.25 23.71 8.29
N GLY C 226 20.19 24.36 7.85
CA GLY C 226 18.87 24.05 8.38
C GLY C 226 17.96 23.61 7.27
N LYS C 227 17.38 22.43 7.43
CA LYS C 227 16.46 21.83 6.44
C LYS C 227 15.10 21.52 7.09
N LEU C 228 14.11 21.20 6.27
CA LEU C 228 12.75 20.88 6.74
C LEU C 228 12.18 19.80 5.83
N HIS C 229 11.72 18.69 6.39
CA HIS C 229 11.17 17.57 5.59
C HIS C 229 9.69 17.33 5.79
N ILE C 230 9.02 16.92 4.71
CA ILE C 230 7.60 16.62 4.75
C ILE C 230 7.49 15.25 4.07
N ILE C 231 7.42 14.20 4.86
CA ILE C 231 7.36 12.87 4.28
C ILE C 231 6.18 12.05 4.81
N GLU C 232 5.50 11.30 3.94
CA GLU C 232 4.38 10.49 4.40
C GLU C 232 4.81 9.33 5.31
N VAL C 233 4.04 9.05 6.36
CA VAL C 233 4.38 7.94 7.23
C VAL C 233 3.49 6.77 6.90
N GLY C 234 4.05 5.57 7.00
CA GLY C 234 3.29 4.37 6.71
C GLY C 234 3.08 4.15 5.23
N THR C 235 2.48 3.01 4.90
CA THR C 235 2.19 2.67 3.52
C THR C 235 0.83 3.25 3.12
N PRO C 236 0.83 4.18 2.16
CA PRO C 236 -0.37 4.86 1.64
C PRO C 236 -1.64 4.02 1.63
N PRO C 237 -2.80 4.68 1.72
CA PRO C 237 -4.09 3.97 1.71
C PRO C 237 -4.19 3.22 0.39
N THR C 238 -4.91 2.09 0.37
CA THR C 238 -5.05 1.32 -0.86
C THR C 238 -5.63 2.22 -1.95
N GLY C 239 -5.21 2.01 -3.18
CA GLY C 239 -5.70 2.83 -4.27
C GLY C 239 -5.50 4.28 -3.91
N ASN C 240 -4.25 4.64 -3.69
CA ASN C 240 -3.89 5.99 -3.34
C ASN C 240 -2.43 6.26 -3.65
N GLN C 241 -2.15 7.32 -4.39
CA GLN C 241 -0.78 7.65 -4.72
C GLN C 241 -0.06 8.06 -3.43
N PRO C 242 1.22 7.66 -3.29
CA PRO C 242 2.04 7.97 -2.12
C PRO C 242 2.44 9.45 -2.08
N PHE C 243 2.85 9.96 -0.91
CA PHE C 243 3.26 11.36 -0.85
C PHE C 243 4.74 11.55 -1.16
N PRO C 244 5.02 12.23 -2.29
CA PRO C 244 6.38 12.50 -2.73
C PRO C 244 7.13 13.17 -1.60
N LYS C 245 8.02 12.42 -0.95
CA LYS C 245 8.79 12.97 0.16
C LYS C 245 9.53 14.27 -0.18
N LYS C 246 8.87 15.41 0.02
CA LYS C 246 9.48 16.72 -0.24
C LYS C 246 10.47 17.04 0.88
N ALA C 247 11.43 17.90 0.60
CA ALA C 247 12.41 18.26 1.63
C ALA C 247 13.24 19.44 1.17
N VAL C 248 12.84 20.64 1.60
CA VAL C 248 13.55 21.86 1.26
C VAL C 248 14.35 22.32 2.48
N ASP C 249 14.88 23.54 2.42
CA ASP C 249 15.65 24.08 3.54
C ASP C 249 15.05 25.35 4.11
N VAL C 250 15.35 25.57 5.39
CA VAL C 250 14.87 26.72 6.14
C VAL C 250 16.04 27.67 6.39
N PHE C 251 15.87 28.93 6.00
CA PHE C 251 16.92 29.95 6.10
C PHE C 251 17.04 30.73 7.40
N PHE C 252 18.30 30.94 7.81
CA PHE C 252 18.60 31.70 9.01
C PHE C 252 19.57 32.80 8.67
N PRO C 253 19.08 34.06 8.64
CA PRO C 253 19.97 35.18 8.32
C PRO C 253 21.17 35.22 9.26
N PRO C 254 22.18 36.01 8.90
CA PRO C 254 23.39 36.13 9.71
C PRO C 254 23.25 36.70 11.13
N GLU C 255 22.29 37.58 11.37
CA GLU C 255 22.11 38.13 12.73
C GLU C 255 21.54 37.04 13.61
N ALA C 256 20.92 36.06 12.96
CA ALA C 256 20.34 34.90 13.64
C ALA C 256 21.35 33.77 13.46
N GLN C 257 22.41 33.78 14.25
CA GLN C 257 23.42 32.76 14.11
C GLN C 257 23.13 31.51 14.88
N ASN C 258 22.78 31.67 16.14
CA ASN C 258 22.50 30.50 16.95
C ASN C 258 21.02 30.27 17.15
N ASP C 259 20.24 30.73 16.18
CA ASP C 259 18.80 30.56 16.22
C ASP C 259 18.48 29.15 15.74
N PHE C 260 17.29 28.65 16.02
CA PHE C 260 16.92 27.32 15.58
C PHE C 260 15.44 27.04 15.76
N PRO C 261 14.90 26.02 15.07
CA PRO C 261 13.47 25.71 15.21
C PRO C 261 13.11 25.33 16.64
N VAL C 262 11.98 25.87 17.11
CA VAL C 262 11.50 25.58 18.46
C VAL C 262 10.04 25.13 18.42
N ALA C 263 9.24 25.71 17.53
CA ALA C 263 7.85 25.31 17.44
C ALA C 263 7.36 25.22 16.01
N MET C 264 6.48 24.26 15.77
CA MET C 264 5.90 24.05 14.45
C MET C 264 4.45 23.69 14.64
N GLN C 265 3.59 24.34 13.86
CA GLN C 265 2.15 24.10 13.88
C GLN C 265 1.66 24.18 12.44
N ILE C 266 0.87 23.21 12.00
CA ILE C 266 0.39 23.21 10.63
C ILE C 266 -1.10 23.45 10.52
N SER C 267 -1.49 24.36 9.65
CA SER C 267 -2.90 24.64 9.45
C SER C 267 -3.45 23.58 8.51
N GLU C 268 -4.57 22.97 8.87
CA GLU C 268 -5.18 21.97 8.02
C GLU C 268 -6.06 22.76 7.04
N LYS C 269 -6.61 23.86 7.57
CA LYS C 269 -7.49 24.75 6.83
C LYS C 269 -6.76 25.54 5.75
N HIS C 270 -5.45 25.36 5.66
CA HIS C 270 -4.65 26.05 4.66
C HIS C 270 -3.49 25.17 4.16
N ASP C 271 -3.25 24.04 4.84
CA ASP C 271 -2.15 23.13 4.49
C ASP C 271 -0.86 23.96 4.39
N VAL C 272 -0.57 24.67 5.47
CA VAL C 272 0.59 25.55 5.57
C VAL C 272 1.28 25.39 6.90
N VAL C 273 2.54 24.97 6.88
CA VAL C 273 3.30 24.79 8.10
C VAL C 273 3.82 26.11 8.63
N PHE C 274 3.62 26.33 9.93
CA PHE C 274 4.10 27.52 10.62
C PHE C 274 5.32 27.07 11.40
N LEU C 275 6.42 27.78 11.25
CA LEU C 275 7.63 27.43 11.96
C LEU C 275 8.12 28.61 12.75
N ILE C 276 8.46 28.37 14.01
CA ILE C 276 8.92 29.43 14.88
C ILE C 276 10.29 29.07 15.39
N THR C 277 11.17 30.07 15.43
CA THR C 277 12.54 29.87 15.87
C THR C 277 12.75 30.50 17.23
N LYS C 278 13.77 30.03 17.95
CA LYS C 278 14.06 30.57 19.27
C LYS C 278 14.20 32.09 19.29
N TYR C 279 14.97 32.65 18.37
CA TYR C 279 15.14 34.11 18.30
C TYR C 279 13.82 34.89 18.11
N GLY C 280 12.77 34.19 17.68
CA GLY C 280 11.50 34.85 17.48
C GLY C 280 11.10 35.11 16.04
N TYR C 281 11.58 34.27 15.11
CA TYR C 281 11.21 34.44 13.71
C TYR C 281 10.09 33.46 13.43
N ILE C 282 9.25 33.80 12.46
CA ILE C 282 8.15 32.96 12.04
C ILE C 282 8.44 32.61 10.57
N HIS C 283 8.19 31.36 10.19
CA HIS C 283 8.40 30.92 8.81
C HIS C 283 7.11 30.31 8.31
N LEU C 284 6.87 30.44 7.02
CA LEU C 284 5.66 29.87 6.44
C LEU C 284 6.08 28.95 5.32
N TYR C 285 5.56 27.73 5.33
CA TYR C 285 5.91 26.78 4.28
C TYR C 285 4.68 26.06 3.74
N ASP C 286 4.61 25.89 2.44
CA ASP C 286 3.49 25.18 1.86
C ASP C 286 3.66 23.71 2.25
N LEU C 287 2.65 23.12 2.86
CA LEU C 287 2.77 21.74 3.29
C LEU C 287 3.12 20.83 2.12
N GLU C 288 2.22 20.80 1.14
CA GLU C 288 2.33 19.99 -0.07
C GLU C 288 3.68 20.11 -0.80
N THR C 289 3.92 21.26 -1.42
CA THR C 289 5.17 21.52 -2.14
C THR C 289 6.39 21.58 -1.22
N GLY C 290 6.32 22.39 -0.16
CA GLY C 290 7.43 22.51 0.75
C GLY C 290 8.17 23.81 0.53
N THR C 291 7.69 24.58 -0.44
CA THR C 291 8.32 25.86 -0.76
C THR C 291 8.04 26.91 0.30
N CYS C 292 9.06 27.70 0.63
CA CYS C 292 8.94 28.76 1.63
C CYS C 292 8.11 29.95 1.13
N ILE C 293 7.10 30.34 1.91
CA ILE C 293 6.18 31.43 1.57
C ILE C 293 6.42 32.80 2.21
N TYR C 294 6.94 32.81 3.44
CA TYR C 294 7.18 34.04 4.16
C TYR C 294 8.06 33.80 5.38
N MET C 295 8.88 34.78 5.72
CA MET C 295 9.75 34.68 6.87
C MET C 295 9.65 36.06 7.48
N ASN C 296 9.99 36.18 8.77
CA ASN C 296 9.90 37.47 9.44
C ASN C 296 10.13 37.35 10.95
N ARG C 297 10.72 38.38 11.55
CA ARG C 297 10.94 38.39 12.99
C ARG C 297 9.67 38.99 13.61
N ILE C 298 9.00 38.23 14.47
CA ILE C 298 7.77 38.72 15.09
C ILE C 298 7.84 38.73 16.61
N SER C 299 9.05 38.74 17.15
CA SER C 299 9.19 38.75 18.58
C SER C 299 10.67 38.81 18.89
N GLY C 300 11.08 39.81 19.66
CA GLY C 300 12.50 39.91 19.99
C GLY C 300 12.80 38.87 21.05
N GLU C 301 11.75 38.53 21.79
CA GLU C 301 11.81 37.56 22.87
C GLU C 301 11.35 36.21 22.37
N THR C 302 12.09 35.18 22.72
CA THR C 302 11.76 33.85 22.29
C THR C 302 10.34 33.47 22.68
N ILE C 303 9.62 32.80 21.79
CA ILE C 303 8.26 32.37 22.06
C ILE C 303 8.43 30.96 22.63
N PHE C 304 8.16 30.77 23.91
CA PHE C 304 8.38 29.47 24.56
C PHE C 304 7.26 28.42 24.54
N VAL C 305 6.15 28.73 23.90
CA VAL C 305 5.09 27.76 23.82
C VAL C 305 4.01 28.18 22.84
N THR C 306 3.43 27.20 22.18
CA THR C 306 2.42 27.45 21.19
C THR C 306 1.36 26.38 21.19
N ALA C 307 0.31 26.66 20.46
CA ALA C 307 -0.81 25.76 20.32
C ALA C 307 -1.52 26.23 19.08
N PRO C 308 -2.21 25.31 18.40
CA PRO C 308 -2.91 25.71 17.20
C PRO C 308 -4.01 26.69 17.58
N HIS C 309 -4.04 27.82 16.87
CA HIS C 309 -5.03 28.87 17.10
C HIS C 309 -6.30 28.49 16.36
N GLU C 310 -6.99 27.48 16.89
CA GLU C 310 -8.21 26.95 16.29
C GLU C 310 -9.01 28.00 15.53
N ALA C 311 -9.33 29.09 16.23
CA ALA C 311 -10.11 30.17 15.64
C ALA C 311 -9.79 30.51 14.18
N THR C 312 -8.56 30.95 13.92
CA THR C 312 -8.14 31.33 12.58
C THR C 312 -7.29 30.26 11.92
N ALA C 313 -7.36 29.05 12.44
CA ALA C 313 -6.59 27.93 11.90
C ALA C 313 -5.10 28.26 11.89
N GLY C 314 -4.71 29.27 12.66
CA GLY C 314 -3.31 29.65 12.72
C GLY C 314 -2.57 29.07 13.91
N ILE C 315 -1.59 29.83 14.40
CA ILE C 315 -0.79 29.41 15.55
C ILE C 315 -0.71 30.51 16.60
N ILE C 316 -0.95 30.15 17.86
CA ILE C 316 -0.88 31.14 18.93
C ILE C 316 0.11 30.71 20.02
N GLY C 317 0.88 31.67 20.52
CA GLY C 317 1.84 31.34 21.55
C GLY C 317 2.11 32.49 22.49
N VAL C 318 3.05 32.28 23.41
CA VAL C 318 3.40 33.29 24.40
C VAL C 318 4.90 33.56 24.38
N ASN C 319 5.33 34.81 24.21
CA ASN C 319 6.76 35.09 24.21
C ASN C 319 7.18 35.31 25.67
N ARG C 320 8.47 35.27 25.93
CA ARG C 320 8.99 35.43 27.30
C ARG C 320 8.59 36.74 27.97
N LYS C 321 8.34 37.77 27.17
CA LYS C 321 7.95 39.08 27.70
C LYS C 321 6.56 39.01 28.31
N GLY C 322 5.91 37.87 28.17
CA GLY C 322 4.58 37.71 28.71
C GLY C 322 3.50 38.23 27.79
N GLN C 323 3.81 38.26 26.51
CA GLN C 323 2.88 38.75 25.49
C GLN C 323 2.28 37.60 24.68
N VAL C 324 0.96 37.55 24.60
CA VAL C 324 0.28 36.49 23.88
C VAL C 324 -0.06 36.90 22.46
N LEU C 325 0.68 36.38 21.48
CA LEU C 325 0.49 36.72 20.05
C LEU C 325 0.02 35.65 19.06
N SER C 326 -0.61 36.12 17.99
CA SER C 326 -1.12 35.24 16.94
C SER C 326 -0.63 35.63 15.56
N VAL C 327 -0.52 34.60 14.71
CA VAL C 327 -0.10 34.75 13.33
C VAL C 327 -0.93 33.73 12.59
N CYS C 328 -1.44 34.09 11.42
CA CYS C 328 -2.26 33.18 10.63
C CYS C 328 -2.45 33.63 9.20
N VAL C 329 -2.54 32.67 8.29
CA VAL C 329 -2.74 32.95 6.87
C VAL C 329 -3.75 34.06 6.60
N GLU C 330 -3.29 35.26 6.21
CA GLU C 330 -4.21 36.36 5.91
C GLU C 330 -4.97 36.10 4.61
N GLU C 331 -5.98 35.23 4.68
CA GLU C 331 -6.78 34.83 3.54
C GLU C 331 -7.11 35.84 2.44
N GLU C 332 -6.96 37.13 2.73
CA GLU C 332 -7.27 38.15 1.72
C GLU C 332 -6.07 38.53 0.84
N ASN C 333 -4.88 38.37 1.38
CA ASN C 333 -3.64 38.72 0.68
C ASN C 333 -2.78 37.54 0.28
N ILE C 334 -3.02 36.39 0.89
CA ILE C 334 -2.21 35.22 0.61
C ILE C 334 -1.92 35.01 -0.87
N ILE C 335 -2.96 34.66 -1.64
CA ILE C 335 -2.80 34.42 -3.07
C ILE C 335 -2.07 35.58 -3.74
N PRO C 336 -2.72 36.75 -3.86
CA PRO C 336 -2.01 37.86 -4.51
C PRO C 336 -0.63 38.20 -3.93
N TYR C 337 -0.23 37.56 -2.82
CA TYR C 337 1.10 37.81 -2.26
C TYR C 337 2.08 37.01 -3.10
N ILE C 338 1.77 35.73 -3.24
CA ILE C 338 2.56 34.80 -4.02
C ILE C 338 2.57 35.26 -5.48
N THR C 339 1.38 35.45 -6.04
CA THR C 339 1.22 35.89 -7.41
C THR C 339 1.67 37.33 -7.58
N ASN C 340 2.78 37.69 -6.95
CA ASN C 340 3.30 39.05 -7.04
C ASN C 340 4.67 39.17 -6.39
N VAL C 341 4.69 39.17 -5.06
CA VAL C 341 5.94 39.28 -4.34
C VAL C 341 6.77 38.01 -4.54
N LEU C 342 6.09 36.87 -4.60
CA LEU C 342 6.74 35.58 -4.79
C LEU C 342 6.84 35.18 -6.26
N GLN C 343 5.97 35.75 -7.08
CA GLN C 343 5.96 35.46 -8.49
C GLN C 343 5.99 33.97 -8.76
N ASN C 344 5.16 33.20 -8.06
CA ASN C 344 5.11 31.77 -8.29
C ASN C 344 3.68 31.33 -8.54
N PRO C 345 3.02 31.91 -9.55
CA PRO C 345 1.64 31.57 -9.89
C PRO C 345 1.30 30.09 -9.93
N ASP C 346 2.30 29.23 -10.12
CA ASP C 346 2.05 27.80 -10.13
C ASP C 346 1.43 27.42 -8.79
N LEU C 347 2.18 27.76 -7.74
CA LEU C 347 1.79 27.52 -6.35
C LEU C 347 0.55 28.33 -6.06
N ALA C 348 0.69 29.64 -6.24
CA ALA C 348 -0.36 30.62 -6.03
C ALA C 348 -1.72 30.12 -6.56
N LEU C 349 -1.76 29.72 -7.81
CA LEU C 349 -3.01 29.24 -8.37
C LEU C 349 -3.35 27.87 -7.79
N ARG C 350 -2.31 27.11 -7.44
CA ARG C 350 -2.52 25.80 -6.85
C ARG C 350 -3.16 26.00 -5.47
N MET C 351 -2.76 27.07 -4.77
CA MET C 351 -3.29 27.36 -3.44
C MET C 351 -4.77 27.72 -3.51
N ALA C 352 -5.07 28.77 -4.25
CA ALA C 352 -6.45 29.21 -4.41
C ALA C 352 -7.37 28.01 -4.63
N VAL C 353 -7.01 27.18 -5.59
CA VAL C 353 -7.75 25.97 -5.93
C VAL C 353 -7.87 25.09 -4.71
N ARG C 354 -6.72 24.71 -4.19
CA ARG C 354 -6.59 23.83 -3.03
C ARG C 354 -7.40 24.22 -1.80
N ASN C 355 -7.21 25.45 -1.32
CA ASN C 355 -7.92 25.91 -0.14
C ASN C 355 -8.99 26.96 -0.35
N ASN C 356 -9.43 27.12 -1.59
CA ASN C 356 -10.49 28.09 -1.87
C ASN C 356 -10.18 29.49 -1.33
N LEU C 357 -9.21 30.16 -1.94
CA LEU C 357 -8.84 31.50 -1.51
C LEU C 357 -8.78 32.34 -2.78
N ALA C 358 -9.62 33.37 -2.87
CA ALA C 358 -9.66 34.23 -4.06
C ALA C 358 -8.29 34.80 -4.48
N GLY C 359 -8.02 34.75 -5.78
CA GLY C 359 -6.76 35.25 -6.30
C GLY C 359 -6.77 35.47 -7.81
N ALA C 360 -6.12 34.58 -8.55
CA ALA C 360 -6.04 34.69 -10.01
C ALA C 360 -7.39 34.42 -10.68
N THR D 1 -5.45 15.38 50.41
CA THR D 1 -4.31 15.57 49.47
C THR D 1 -4.87 15.81 48.06
N ASN D 2 -4.71 17.04 47.55
CA ASN D 2 -5.23 17.39 46.22
C ASN D 2 -4.37 18.22 45.25
N LEU D 3 -3.32 18.86 45.75
CA LEU D 3 -2.47 19.68 44.90
C LEU D 3 -3.19 20.93 44.39
N ILE D 4 -4.50 20.99 44.62
CA ILE D 4 -5.32 22.12 44.21
C ILE D 4 -6.75 22.03 44.76
N GLU D 5 -7.18 23.04 45.48
CA GLU D 5 -8.53 23.02 46.06
C GLU D 5 -9.36 24.25 45.75
N LEU D 6 -10.62 24.19 46.12
CA LEU D 6 -11.54 25.30 45.88
C LEU D 6 -12.27 25.78 47.15
N ASP D 7 -12.20 27.09 47.39
CA ASP D 7 -12.85 27.78 48.52
C ASP D 7 -12.17 27.74 49.91
N ALA D 8 -12.23 28.87 50.61
CA ALA D 8 -11.66 29.05 51.96
C ALA D 8 -11.72 30.53 52.37
#